data_9L4A
#
_entry.id   9L4A
#
_cell.length_a   79.520
_cell.length_b   96.400
_cell.length_c   121.100
_cell.angle_alpha   90.000
_cell.angle_beta   90.000
_cell.angle_gamma   90.000
#
_symmetry.space_group_name_H-M   'P 21 21 21'
#
loop_
_entity.id
_entity.type
_entity.pdbx_description
1 polymer 'MHC class I antigen'
2 polymer Beta-2-microglobulin
3 polymer MY9
4 water water
#
loop_
_entity_poly.entity_id
_entity_poly.type
_entity_poly.pdbx_seq_one_letter_code
_entity_poly.pdbx_strand_id
1 'polypeptide(L)'
;SHSMRYFYTAVSRPGRGEPRFIAVGYVDDTQFVRFDSDAASPRGEPRAPWVEQEGPEYWDRETQKYKRQAQADRVSLRNL
RGYYNQSEAGSHTLQRMYGCDLGPDGRLLRGYDQSAYDGKDYIALNEDLRSWTAADTAAQITQRKWEAAREAEQWRAYLE
GTCVEWLRRYLENGKETLQRAEHPKTHVTHHPVSDHEATLRCWALGFYPAEITLTWQRDGEDQTQDTELVETRPAGDGTF
QKWAAVVVPSGEEQRYTCHVQHEGLPEPLTLRW
;
A,D
2 'polypeptide(L)'
;IQRTPKIQVYSRHPAENGKSNFLNCYVSGFHPSDIEVDLLKNGERIEKVEHSDLSFSGDWSFYLLYYTEFTPTEKDEYAC
RVNHVTLSQPKIVKWDRDM
;
B,E
3 'polypeptide(L)' MARELHPEY C,F
#
# COMPACT_ATOMS: atom_id res chain seq x y z
N SER A 1 -1.45 -28.87 23.29
CA SER A 1 -2.76 -28.81 22.63
C SER A 1 -2.68 -29.11 21.12
N HIS A 2 -3.84 -29.41 20.56
CA HIS A 2 -3.91 -29.86 19.19
C HIS A 2 -5.17 -29.26 18.59
N SER A 3 -5.17 -29.14 17.25
N SER A 3 -5.17 -29.14 17.25
CA SER A 3 -6.31 -28.57 16.53
CA SER A 3 -6.30 -28.57 16.53
C SER A 3 -6.50 -29.29 15.21
C SER A 3 -6.49 -29.30 15.21
N MET A 4 -7.75 -29.41 14.80
CA MET A 4 -8.13 -29.72 13.44
C MET A 4 -8.76 -28.49 12.84
N ARG A 5 -8.30 -28.09 11.65
CA ARG A 5 -8.82 -26.86 11.05
C ARG A 5 -9.06 -27.03 9.56
N TYR A 6 -10.22 -26.59 9.08
CA TYR A 6 -10.51 -26.64 7.65
C TYR A 6 -10.53 -25.21 7.08
N PHE A 7 -10.11 -25.08 5.81
CA PHE A 7 -10.03 -23.78 5.16
C PHE A 7 -10.65 -23.95 3.79
N TYR A 8 -11.81 -23.31 3.55
CA TYR A 8 -12.49 -23.40 2.24
C TYR A 8 -12.38 -22.06 1.55
N THR A 9 -12.02 -22.05 0.26
CA THR A 9 -12.01 -20.83 -0.54
C THR A 9 -12.73 -21.06 -1.86
N ALA A 10 -13.71 -20.20 -2.19
CA ALA A 10 -14.38 -20.22 -3.48
C ALA A 10 -14.13 -18.87 -4.17
N VAL A 11 -13.68 -18.88 -5.42
CA VAL A 11 -13.28 -17.64 -6.07
C VAL A 11 -13.92 -17.62 -7.44
N SER A 12 -14.75 -16.60 -7.72
CA SER A 12 -15.28 -16.51 -9.07
C SER A 12 -14.24 -15.88 -10.04
N ARG A 13 -14.42 -16.12 -11.35
CA ARG A 13 -13.48 -15.70 -12.38
C ARG A 13 -14.28 -15.42 -13.64
N PRO A 14 -15.08 -14.38 -13.62
CA PRO A 14 -16.00 -14.06 -14.71
C PRO A 14 -15.32 -14.11 -16.08
N GLY A 15 -15.92 -14.85 -17.00
CA GLY A 15 -15.38 -14.94 -18.35
C GLY A 15 -14.33 -16.01 -18.48
N ARG A 16 -13.98 -16.65 -17.38
CA ARG A 16 -13.04 -17.74 -17.35
C ARG A 16 -13.65 -19.00 -16.71
N GLY A 17 -14.93 -19.26 -16.93
CA GLY A 17 -15.52 -20.49 -16.38
C GLY A 17 -16.13 -20.31 -14.99
N GLU A 18 -16.52 -21.44 -14.37
CA GLU A 18 -17.19 -21.48 -13.06
C GLU A 18 -16.22 -21.13 -11.93
N PRO A 19 -16.73 -20.72 -10.75
CA PRO A 19 -15.83 -20.42 -9.62
C PRO A 19 -15.07 -21.68 -9.22
N ARG A 20 -13.83 -21.48 -8.79
CA ARG A 20 -12.97 -22.57 -8.32
C ARG A 20 -13.17 -22.72 -6.82
N PHE A 21 -13.28 -23.94 -6.34
CA PHE A 21 -13.45 -24.23 -4.91
C PHE A 21 -12.24 -25.06 -4.47
N ILE A 22 -11.59 -24.66 -3.38
CA ILE A 22 -10.42 -25.38 -2.81
C ILE A 22 -10.73 -25.59 -1.34
N ALA A 23 -10.50 -26.82 -0.84
CA ALA A 23 -10.65 -27.12 0.56
C ALA A 23 -9.36 -27.76 1.02
N VAL A 24 -8.85 -27.31 2.19
CA VAL A 24 -7.69 -27.98 2.77
C VAL A 24 -7.99 -28.21 4.25
N GLY A 25 -7.50 -29.33 4.75
CA GLY A 25 -7.68 -29.68 6.15
C GLY A 25 -6.32 -29.97 6.76
N TYR A 26 -6.12 -29.51 7.99
CA TYR A 26 -4.88 -29.65 8.76
C TYR A 26 -5.14 -30.25 10.12
N VAL A 27 -4.17 -31.02 10.62
CA VAL A 27 -4.04 -31.23 12.06
C VAL A 27 -2.81 -30.41 12.47
N ASP A 28 -3.00 -29.51 13.43
CA ASP A 28 -1.91 -28.59 13.77
C ASP A 28 -1.31 -28.00 12.50
N ASP A 29 -0.02 -28.14 12.31
CA ASP A 29 0.63 -27.55 11.14
C ASP A 29 0.82 -28.53 10.01
N THR A 30 0.10 -29.68 9.99
CA THR A 30 0.29 -30.73 9.00
C THR A 30 -0.97 -30.86 8.14
N GLN A 31 -0.84 -30.57 6.85
CA GLN A 31 -1.97 -30.79 5.95
C GLN A 31 -2.26 -32.27 5.76
N PHE A 32 -3.53 -32.63 5.80
CA PHE A 32 -3.83 -34.05 5.56
C PHE A 32 -4.81 -34.28 4.42
N VAL A 33 -5.49 -33.23 3.92
CA VAL A 33 -6.42 -33.42 2.82
C VAL A 33 -6.47 -32.16 1.96
N ARG A 34 -6.92 -32.37 0.74
CA ARG A 34 -7.22 -31.29 -0.17
C ARG A 34 -8.26 -31.70 -1.18
N PHE A 35 -9.03 -30.73 -1.58
CA PHE A 35 -9.94 -30.90 -2.70
C PHE A 35 -9.79 -29.67 -3.57
N ASP A 36 -9.65 -29.85 -4.88
CA ASP A 36 -9.47 -28.72 -5.81
C ASP A 36 -10.43 -28.94 -6.98
N SER A 37 -11.46 -28.07 -7.13
CA SER A 37 -12.47 -28.30 -8.13
C SER A 37 -11.88 -28.24 -9.52
N ASP A 38 -10.69 -27.67 -9.67
CA ASP A 38 -10.06 -27.59 -10.95
C ASP A 38 -9.28 -28.85 -11.33
N ALA A 39 -9.09 -29.81 -10.39
CA ALA A 39 -8.29 -31.01 -10.68
C ALA A 39 -8.90 -31.83 -11.83
N ALA A 40 -8.08 -32.66 -12.46
CA ALA A 40 -8.57 -33.46 -13.61
C ALA A 40 -9.74 -34.34 -13.22
N SER A 41 -9.65 -34.96 -12.05
CA SER A 41 -10.76 -35.79 -11.57
C SER A 41 -10.93 -35.43 -10.10
N PRO A 42 -11.69 -34.37 -9.79
CA PRO A 42 -11.68 -33.79 -8.44
C PRO A 42 -12.11 -34.81 -7.39
N ARG A 43 -11.28 -34.98 -6.37
CA ARG A 43 -11.66 -35.86 -5.28
C ARG A 43 -10.95 -35.35 -4.06
N GLY A 44 -11.43 -35.74 -2.89
CA GLY A 44 -10.64 -35.51 -1.69
C GLY A 44 -9.42 -36.41 -1.79
N GLU A 45 -8.24 -35.86 -1.54
CA GLU A 45 -7.00 -36.61 -1.65
C GLU A 45 -6.16 -36.51 -0.39
N PRO A 46 -5.55 -37.61 0.03
CA PRO A 46 -4.73 -37.57 1.24
C PRO A 46 -3.46 -36.78 1.01
N ARG A 47 -3.04 -36.08 2.03
CA ARG A 47 -1.78 -35.36 1.99
C ARG A 47 -0.89 -35.76 3.17
N ALA A 48 -1.31 -36.75 3.93
CA ALA A 48 -0.50 -37.21 5.04
C ALA A 48 -0.68 -38.72 5.15
N PRO A 49 0.37 -39.44 5.58
CA PRO A 49 0.32 -40.89 5.56
C PRO A 49 -0.73 -41.45 6.48
N TRP A 50 -1.01 -40.76 7.60
CA TRP A 50 -1.92 -41.25 8.60
C TRP A 50 -3.41 -41.08 8.26
N VAL A 51 -3.76 -40.59 7.05
CA VAL A 51 -5.10 -40.78 6.50
C VAL A 51 -5.07 -41.59 5.20
N GLU A 52 -3.88 -41.90 4.66
CA GLU A 52 -3.85 -42.73 3.45
C GLU A 52 -4.45 -44.10 3.71
N GLN A 53 -4.46 -44.52 4.95
CA GLN A 53 -4.95 -45.83 5.34
C GLN A 53 -6.43 -45.87 5.65
N GLU A 54 -7.14 -44.74 5.69
CA GLU A 54 -8.59 -44.84 5.76
C GLU A 54 -9.06 -45.45 4.43
N GLY A 55 -10.15 -46.13 4.46
CA GLY A 55 -10.47 -46.90 3.28
C GLY A 55 -11.32 -46.15 2.27
N PRO A 56 -11.78 -46.87 1.25
CA PRO A 56 -12.56 -46.24 0.17
C PRO A 56 -13.85 -45.60 0.64
N GLU A 57 -14.55 -46.17 1.61
CA GLU A 57 -15.77 -45.54 2.13
C GLU A 57 -15.47 -44.15 2.68
N TYR A 58 -14.44 -44.05 3.53
CA TYR A 58 -14.03 -42.74 4.05
C TYR A 58 -13.76 -41.75 2.93
N TRP A 59 -12.88 -42.09 2.02
CA TRP A 59 -12.51 -41.20 0.94
C TRP A 59 -13.66 -40.83 0.00
N ASP A 60 -14.50 -41.77 -0.34
CA ASP A 60 -15.63 -41.47 -1.18
C ASP A 60 -16.62 -40.53 -0.49
N ARG A 61 -16.80 -40.73 0.79
CA ARG A 61 -17.67 -39.90 1.53
C ARG A 61 -17.16 -38.44 1.60
N GLU A 62 -15.89 -38.29 1.88
CA GLU A 62 -15.32 -36.96 1.93
C GLU A 62 -15.42 -36.27 0.55
N THR A 63 -15.12 -37.02 -0.48
CA THR A 63 -15.19 -36.53 -1.82
C THR A 63 -16.58 -35.94 -2.16
N GLN A 64 -17.61 -36.69 -1.82
CA GLN A 64 -18.99 -36.32 -2.01
C GLN A 64 -19.29 -35.01 -1.29
N LYS A 65 -18.85 -34.89 -0.07
CA LYS A 65 -19.01 -33.68 0.70
C LYS A 65 -18.42 -32.48 -0.06
N TYR A 66 -17.18 -32.64 -0.49
CA TYR A 66 -16.51 -31.50 -1.16
C TYR A 66 -17.21 -31.20 -2.49
N LYS A 67 -17.60 -32.23 -3.24
CA LYS A 67 -18.26 -31.94 -4.52
C LYS A 67 -19.59 -31.20 -4.32
N ARG A 68 -20.36 -31.65 -3.35
CA ARG A 68 -21.59 -30.93 -3.07
C ARG A 68 -21.34 -29.53 -2.51
N GLN A 69 -20.29 -29.35 -1.70
CA GLN A 69 -20.05 -28.02 -1.13
C GLN A 69 -19.54 -27.04 -2.19
N ALA A 70 -18.74 -27.53 -3.14
CA ALA A 70 -18.37 -26.70 -4.29
C ALA A 70 -19.60 -26.19 -5.05
N GLN A 71 -20.51 -27.08 -5.38
CA GLN A 71 -21.76 -26.63 -6.00
C GLN A 71 -22.49 -25.60 -5.17
N ALA A 72 -22.59 -25.84 -3.87
CA ALA A 72 -23.30 -24.90 -3.01
C ALA A 72 -22.61 -23.55 -2.98
N ASP A 73 -21.26 -23.54 -2.93
CA ASP A 73 -20.55 -22.26 -2.89
C ASP A 73 -20.77 -21.45 -4.16
N ARG A 74 -20.92 -22.13 -5.29
CA ARG A 74 -21.21 -21.40 -6.50
C ARG A 74 -22.57 -20.72 -6.44
N VAL A 75 -23.57 -21.41 -5.87
CA VAL A 75 -24.85 -20.76 -5.65
C VAL A 75 -24.71 -19.65 -4.65
N SER A 76 -23.97 -19.90 -3.58
CA SER A 76 -23.79 -18.90 -2.55
C SER A 76 -23.14 -17.63 -3.14
N LEU A 77 -22.11 -17.78 -3.98
CA LEU A 77 -21.51 -16.60 -4.58
C LEU A 77 -22.55 -15.79 -5.35
N ARG A 78 -23.44 -16.47 -6.08
N ARG A 78 -23.46 -16.46 -6.08
CA ARG A 78 -24.56 -15.80 -6.76
CA ARG A 78 -24.52 -15.74 -6.76
C ARG A 78 -25.46 -15.09 -5.76
C ARG A 78 -25.47 -15.07 -5.75
N ASN A 79 -25.81 -15.76 -4.66
CA ASN A 79 -26.69 -15.16 -3.66
C ASN A 79 -26.06 -13.92 -3.09
N LEU A 80 -24.77 -14.00 -2.78
CA LEU A 80 -24.10 -12.85 -2.18
C LEU A 80 -24.10 -11.65 -3.14
N ARG A 81 -23.82 -11.89 -4.44
CA ARG A 81 -23.95 -10.77 -5.39
C ARG A 81 -25.37 -10.19 -5.38
N GLY A 82 -26.36 -11.06 -5.25
CA GLY A 82 -27.74 -10.58 -5.18
C GLY A 82 -27.94 -9.66 -3.99
N TYR A 83 -27.43 -10.05 -2.82
CA TYR A 83 -27.66 -9.23 -1.62
C TYR A 83 -27.09 -7.84 -1.80
N TYR A 84 -25.89 -7.74 -2.42
CA TYR A 84 -25.23 -6.46 -2.55
C TYR A 84 -25.55 -5.77 -3.87
N ASN A 85 -26.30 -6.42 -4.74
CA ASN A 85 -26.53 -6.03 -6.16
C ASN A 85 -25.23 -5.78 -6.89
N GLN A 86 -24.28 -6.71 -6.72
CA GLN A 86 -23.03 -6.64 -7.44
C GLN A 86 -23.18 -7.28 -8.82
N SER A 87 -22.48 -6.71 -9.77
CA SER A 87 -22.50 -7.22 -11.15
C SER A 87 -21.75 -8.56 -11.24
N GLU A 88 -22.18 -9.38 -12.18
CA GLU A 88 -21.47 -10.63 -12.50
C GLU A 88 -20.10 -10.43 -13.13
N ALA A 89 -19.76 -9.20 -13.54
CA ALA A 89 -18.46 -8.93 -14.19
C ALA A 89 -17.28 -8.89 -13.22
N GLY A 90 -17.51 -8.72 -11.93
CA GLY A 90 -16.42 -8.65 -10.94
C GLY A 90 -16.18 -9.98 -10.24
N SER A 91 -14.93 -10.25 -9.94
CA SER A 91 -14.54 -11.46 -9.21
C SER A 91 -14.84 -11.28 -7.73
N HIS A 92 -15.25 -12.35 -7.04
CA HIS A 92 -15.44 -12.28 -5.59
C HIS A 92 -14.94 -13.55 -4.95
N THR A 93 -14.67 -13.44 -3.66
CA THR A 93 -14.16 -14.54 -2.86
C THR A 93 -15.03 -14.83 -1.65
N LEU A 94 -15.25 -16.12 -1.38
CA LEU A 94 -15.95 -16.56 -0.15
C LEU A 94 -14.96 -17.45 0.56
N GLN A 95 -14.66 -17.14 1.82
CA GLN A 95 -13.77 -17.99 2.63
C GLN A 95 -14.49 -18.46 3.88
N ARG A 96 -14.16 -19.68 4.32
CA ARG A 96 -14.75 -20.22 5.54
C ARG A 96 -13.65 -21.00 6.24
N MET A 97 -13.51 -20.81 7.56
CA MET A 97 -12.58 -21.63 8.35
C MET A 97 -13.33 -22.14 9.58
N TYR A 98 -13.17 -23.43 9.87
CA TYR A 98 -13.84 -24.02 10.99
C TYR A 98 -12.95 -25.11 11.54
N GLY A 99 -13.20 -25.49 12.78
CA GLY A 99 -12.34 -26.48 13.40
C GLY A 99 -12.53 -26.54 14.89
N CYS A 100 -11.71 -27.39 15.51
CA CYS A 100 -11.78 -27.60 16.97
C CYS A 100 -10.38 -27.60 17.58
N ASP A 101 -10.26 -26.98 18.76
CA ASP A 101 -9.05 -27.03 19.56
C ASP A 101 -9.26 -27.96 20.75
N LEU A 102 -8.24 -28.77 21.06
CA LEU A 102 -8.18 -29.66 22.21
C LEU A 102 -7.17 -29.12 23.22
N GLY A 103 -7.48 -29.26 24.52
CA GLY A 103 -6.52 -28.90 25.55
C GLY A 103 -5.61 -30.07 25.91
N PRO A 104 -4.62 -29.85 26.79
CA PRO A 104 -3.76 -30.97 27.23
C PRO A 104 -4.52 -32.19 27.75
N ASP A 105 -5.79 -32.04 28.21
CA ASP A 105 -6.59 -33.20 28.60
C ASP A 105 -7.26 -33.96 27.43
N GLY A 106 -6.96 -33.66 26.16
CA GLY A 106 -7.73 -34.26 25.05
C GLY A 106 -9.20 -33.88 24.97
N ARG A 107 -9.65 -32.84 25.65
CA ARG A 107 -11.04 -32.40 25.66
C ARG A 107 -11.22 -31.12 24.83
N LEU A 108 -12.38 -30.99 24.20
CA LEU A 108 -12.70 -29.77 23.49
C LEU A 108 -12.48 -28.55 24.37
N LEU A 109 -11.60 -27.69 23.92
CA LEU A 109 -11.40 -26.37 24.47
C LEU A 109 -12.25 -25.32 23.78
N ARG A 110 -12.35 -25.36 22.44
CA ARG A 110 -13.29 -24.47 21.73
C ARG A 110 -13.48 -24.97 20.30
N GLY A 111 -14.69 -24.78 19.78
CA GLY A 111 -15.00 -25.02 18.38
C GLY A 111 -15.23 -23.67 17.71
N TYR A 112 -15.03 -23.56 16.39
CA TYR A 112 -15.23 -22.25 15.80
C TYR A 112 -15.65 -22.42 14.36
N ASP A 113 -16.26 -21.36 13.84
CA ASP A 113 -16.63 -21.30 12.44
C ASP A 113 -16.77 -19.83 12.05
N GLN A 114 -16.13 -19.44 10.98
CA GLN A 114 -16.16 -18.03 10.61
C GLN A 114 -16.09 -17.97 9.11
N SER A 115 -16.78 -17.00 8.54
CA SER A 115 -16.78 -16.78 7.09
C SER A 115 -16.41 -15.34 6.76
N ALA A 116 -15.84 -15.16 5.58
CA ALA A 116 -15.46 -13.83 5.07
C ALA A 116 -15.86 -13.72 3.61
N TYR A 117 -16.30 -12.52 3.20
CA TYR A 117 -16.67 -12.25 1.81
C TYR A 117 -15.77 -11.13 1.32
N ASP A 118 -14.98 -11.42 0.29
CA ASP A 118 -14.02 -10.44 -0.24
C ASP A 118 -13.08 -9.97 0.87
N GLY A 119 -12.70 -10.92 1.72
CA GLY A 119 -11.69 -10.60 2.70
C GLY A 119 -12.19 -9.90 3.96
N LYS A 120 -13.48 -9.63 4.08
CA LYS A 120 -14.06 -8.98 5.27
C LYS A 120 -14.91 -9.97 6.01
N ASP A 121 -14.82 -9.95 7.36
CA ASP A 121 -15.73 -10.76 8.18
C ASP A 121 -17.16 -10.60 7.69
N TYR A 122 -17.86 -11.74 7.52
CA TYR A 122 -19.23 -11.76 7.02
C TYR A 122 -20.17 -12.36 8.08
N ILE A 123 -19.94 -13.60 8.54
CA ILE A 123 -20.79 -14.20 9.55
C ILE A 123 -19.95 -15.18 10.34
N ALA A 124 -20.20 -15.25 11.66
CA ALA A 124 -19.44 -16.16 12.50
C ALA A 124 -20.35 -16.83 13.53
N LEU A 125 -20.04 -18.10 13.80
CA LEU A 125 -20.69 -18.85 14.86
C LEU A 125 -20.19 -18.33 16.19
N ASN A 126 -21.12 -18.07 17.10
CA ASN A 126 -20.74 -17.53 18.42
C ASN A 126 -20.07 -18.60 19.26
N GLU A 127 -19.42 -18.16 20.33
CA GLU A 127 -18.72 -19.05 21.25
C GLU A 127 -19.62 -20.12 21.82
N ASP A 128 -20.90 -19.80 22.04
CA ASP A 128 -21.80 -20.80 22.62
C ASP A 128 -22.22 -21.86 21.62
N LEU A 129 -21.84 -21.71 20.34
CA LEU A 129 -22.21 -22.65 19.28
C LEU A 129 -23.71 -22.77 19.09
N ARG A 130 -24.48 -21.74 19.48
CA ARG A 130 -25.93 -21.76 19.37
C ARG A 130 -26.49 -20.63 18.55
N SER A 131 -25.66 -19.67 18.17
CA SER A 131 -26.17 -18.48 17.50
C SER A 131 -25.04 -17.87 16.66
N TRP A 132 -25.43 -16.89 15.86
CA TRP A 132 -24.52 -16.28 14.89
C TRP A 132 -24.32 -14.80 15.17
N THR A 133 -23.19 -14.24 14.70
CA THR A 133 -23.00 -12.79 14.57
C THR A 133 -22.79 -12.47 13.10
N ALA A 134 -23.66 -11.61 12.56
CA ALA A 134 -23.60 -11.11 11.18
C ALA A 134 -22.91 -9.75 11.13
N ALA A 135 -22.05 -9.58 10.15
CA ALA A 135 -21.30 -8.31 10.11
C ALA A 135 -22.07 -7.17 9.47
N ASP A 136 -23.08 -7.44 8.65
CA ASP A 136 -23.77 -6.35 7.95
C ASP A 136 -25.15 -6.86 7.56
N THR A 137 -25.89 -6.06 6.80
CA THR A 137 -27.27 -6.41 6.59
C THR A 137 -27.42 -7.56 5.59
N ALA A 138 -26.44 -7.76 4.70
CA ALA A 138 -26.46 -8.95 3.85
C ALA A 138 -26.30 -10.20 4.70
N ALA A 139 -25.33 -10.20 5.59
CA ALA A 139 -25.13 -11.39 6.42
C ALA A 139 -26.32 -11.67 7.33
N GLN A 140 -27.10 -10.65 7.68
CA GLN A 140 -28.32 -10.93 8.46
C GLN A 140 -29.32 -11.74 7.65
N ILE A 141 -29.31 -11.60 6.31
CA ILE A 141 -30.14 -12.47 5.47
C ILE A 141 -29.64 -13.90 5.59
N THR A 142 -28.31 -14.08 5.50
CA THR A 142 -27.74 -15.41 5.66
C THR A 142 -28.08 -15.98 7.03
N GLN A 143 -27.92 -15.16 8.07
CA GLN A 143 -28.21 -15.64 9.42
C GLN A 143 -29.65 -16.15 9.55
N ARG A 144 -30.60 -15.42 8.97
CA ARG A 144 -32.01 -15.83 9.08
C ARG A 144 -32.27 -17.12 8.35
N LYS A 145 -31.59 -17.34 7.21
CA LYS A 145 -31.68 -18.63 6.53
C LYS A 145 -31.14 -19.77 7.40
N TRP A 146 -29.97 -19.57 7.99
CA TRP A 146 -29.36 -20.64 8.79
C TRP A 146 -30.16 -20.86 10.07
N GLU A 147 -30.72 -19.78 10.62
CA GLU A 147 -31.58 -19.95 11.79
C GLU A 147 -32.80 -20.77 11.45
N ALA A 148 -33.41 -20.50 10.29
CA ALA A 148 -34.57 -21.30 9.87
C ALA A 148 -34.21 -22.74 9.64
N ALA A 149 -32.98 -23.01 9.19
CA ALA A 149 -32.50 -24.37 9.01
C ALA A 149 -32.06 -25.03 10.30
N ARG A 150 -32.02 -24.29 11.40
CA ARG A 150 -31.48 -24.75 12.68
C ARG A 150 -30.07 -25.32 12.53
N GLU A 151 -29.24 -24.65 11.74
CA GLU A 151 -27.94 -25.21 11.42
C GLU A 151 -26.97 -25.11 12.58
N ALA A 152 -27.20 -24.18 13.52
CA ALA A 152 -26.27 -24.09 14.63
C ALA A 152 -26.23 -25.39 15.41
N GLU A 153 -27.38 -26.05 15.55
CA GLU A 153 -27.39 -27.36 16.20
C GLU A 153 -26.46 -28.34 15.50
N GLN A 154 -26.45 -28.30 14.15
CA GLN A 154 -25.56 -29.21 13.40
C GLN A 154 -24.10 -28.82 13.61
N TRP A 155 -23.80 -27.51 13.81
CA TRP A 155 -22.42 -27.10 14.14
C TRP A 155 -22.02 -27.55 15.54
N ARG A 156 -22.92 -27.36 16.51
CA ARG A 156 -22.65 -27.86 17.87
C ARG A 156 -22.34 -29.34 17.86
N ALA A 157 -23.16 -30.15 17.18
CA ALA A 157 -22.95 -31.60 17.21
C ALA A 157 -21.62 -31.97 16.53
N TYR A 158 -21.34 -31.38 15.37
CA TYR A 158 -20.05 -31.60 14.71
C TYR A 158 -18.86 -31.13 15.58
N LEU A 159 -18.89 -29.88 16.03
CA LEU A 159 -17.71 -29.36 16.72
C LEU A 159 -17.47 -30.08 18.05
N GLU A 160 -18.54 -30.41 18.77
CA GLU A 160 -18.33 -31.08 20.04
C GLU A 160 -18.20 -32.59 19.89
N GLY A 161 -18.65 -33.15 18.79
CA GLY A 161 -18.61 -34.60 18.60
C GLY A 161 -17.59 -35.00 17.54
N THR A 162 -18.05 -35.07 16.31
CA THR A 162 -17.26 -35.55 15.17
C THR A 162 -15.85 -34.93 15.11
N CYS A 163 -15.77 -33.62 15.22
CA CYS A 163 -14.47 -32.95 15.06
C CYS A 163 -13.47 -33.45 16.10
N VAL A 164 -13.93 -33.57 17.36
CA VAL A 164 -13.07 -34.02 18.44
C VAL A 164 -12.70 -35.48 18.23
N GLU A 165 -13.70 -36.28 17.88
CA GLU A 165 -13.48 -37.73 17.79
C GLU A 165 -12.46 -38.04 16.72
N TRP A 166 -12.59 -37.36 15.56
CA TRP A 166 -11.70 -37.62 14.43
C TRP A 166 -10.35 -36.95 14.62
N LEU A 167 -10.28 -35.76 15.25
CA LEU A 167 -8.97 -35.24 15.63
C LEU A 167 -8.22 -36.25 16.50
N ARG A 168 -8.90 -36.80 17.50
CA ARG A 168 -8.22 -37.77 18.38
C ARG A 168 -7.78 -39.02 17.61
N ARG A 169 -8.60 -39.49 16.66
CA ARG A 169 -8.18 -40.63 15.86
C ARG A 169 -6.95 -40.29 15.02
N TYR A 170 -6.95 -39.13 14.34
CA TYR A 170 -5.77 -38.76 13.55
C TYR A 170 -4.51 -38.65 14.43
N LEU A 171 -4.65 -38.00 15.59
CA LEU A 171 -3.50 -37.85 16.48
C LEU A 171 -2.89 -39.20 16.83
N GLU A 172 -3.73 -40.20 17.08
CA GLU A 172 -3.24 -41.53 17.45
C GLU A 172 -2.58 -42.22 16.25
N ASN A 173 -3.28 -42.25 15.11
CA ASN A 173 -2.72 -42.91 13.93
C ASN A 173 -1.47 -42.22 13.43
N GLY A 174 -1.35 -40.91 13.68
CA GLY A 174 -0.18 -40.17 13.24
C GLY A 174 0.70 -39.74 14.40
N LYS A 175 0.70 -40.45 15.52
CA LYS A 175 1.41 -39.89 16.66
C LYS A 175 2.92 -39.89 16.47
N GLU A 176 3.49 -40.76 15.66
CA GLU A 176 4.96 -40.70 15.57
C GLU A 176 5.46 -39.44 14.88
N THR A 177 4.60 -38.70 14.19
CA THR A 177 4.96 -37.41 13.62
C THR A 177 4.19 -36.26 14.25
N LEU A 178 2.90 -36.44 14.57
CA LEU A 178 2.12 -35.32 15.06
C LEU A 178 2.36 -35.04 16.51
N GLN A 179 2.72 -36.06 17.27
CA GLN A 179 2.90 -35.87 18.70
C GLN A 179 4.35 -36.00 19.08
N ARG A 180 5.28 -35.85 18.14
CA ARG A 180 6.71 -35.91 18.48
C ARG A 180 7.40 -34.72 17.79
N ALA A 181 7.52 -33.62 18.52
CA ALA A 181 8.05 -32.39 17.95
C ALA A 181 9.48 -32.59 17.50
N GLU A 182 9.83 -32.05 16.30
CA GLU A 182 11.18 -32.18 15.75
C GLU A 182 11.93 -30.89 16.03
N HIS A 183 13.02 -30.96 16.84
CA HIS A 183 13.71 -29.75 17.27
C HIS A 183 14.46 -29.11 16.10
N PRO A 184 14.68 -27.80 16.13
CA PRO A 184 15.42 -27.13 15.05
C PRO A 184 16.89 -27.54 15.08
N LYS A 185 17.45 -27.82 13.92
CA LYS A 185 18.90 -27.89 13.79
C LYS A 185 19.38 -26.44 13.69
N THR A 186 20.32 -26.05 14.53
CA THR A 186 20.71 -24.65 14.62
C THR A 186 22.20 -24.47 14.33
N HIS A 187 22.52 -23.31 13.77
CA HIS A 187 23.92 -22.89 13.70
C HIS A 187 23.94 -21.38 13.49
N VAL A 188 25.12 -20.79 13.72
CA VAL A 188 25.35 -19.36 13.46
C VAL A 188 26.31 -19.20 12.31
N THR A 189 26.00 -18.33 11.34
CA THR A 189 26.95 -18.04 10.27
C THR A 189 27.39 -16.59 10.38
N HIS A 190 28.57 -16.28 9.83
CA HIS A 190 29.23 -14.98 9.94
C HIS A 190 29.53 -14.50 8.53
N HIS A 191 29.22 -13.24 8.23
CA HIS A 191 29.29 -12.70 6.86
C HIS A 191 29.89 -11.31 6.99
N PRO A 192 31.20 -11.17 6.85
CA PRO A 192 31.78 -9.85 7.07
C PRO A 192 31.19 -8.92 6.03
N VAL A 193 30.90 -7.70 6.43
CA VAL A 193 30.44 -6.72 5.45
C VAL A 193 31.51 -5.67 5.16
N SER A 194 32.37 -5.39 6.12
CA SER A 194 33.50 -4.49 5.95
C SER A 194 34.60 -5.01 6.85
N ASP A 195 35.77 -4.38 6.77
CA ASP A 195 36.79 -4.68 7.76
C ASP A 195 36.28 -4.52 9.18
N HIS A 196 35.22 -3.75 9.40
CA HIS A 196 34.87 -3.39 10.76
C HIS A 196 33.50 -3.88 11.23
N GLU A 197 32.65 -4.43 10.38
CA GLU A 197 31.51 -5.10 10.99
C GLU A 197 31.10 -6.31 10.14
N ALA A 198 30.22 -7.14 10.72
CA ALA A 198 29.86 -8.43 10.14
C ALA A 198 28.45 -8.78 10.58
N THR A 199 27.75 -9.50 9.73
CA THR A 199 26.44 -10.00 10.09
C THR A 199 26.57 -11.36 10.74
N LEU A 200 25.94 -11.54 11.90
CA LEU A 200 25.81 -12.87 12.49
C LEU A 200 24.38 -13.30 12.21
N ARG A 201 24.20 -14.46 11.56
CA ARG A 201 22.88 -14.97 11.23
C ARG A 201 22.65 -16.29 11.98
N CYS A 202 21.59 -16.34 12.79
CA CYS A 202 21.24 -17.55 13.56
C CYS A 202 20.14 -18.30 12.84
N TRP A 203 20.41 -19.59 12.54
CA TRP A 203 19.56 -20.41 11.71
C TRP A 203 18.86 -21.47 12.54
N ALA A 204 17.57 -21.72 12.22
CA ALA A 204 16.76 -22.79 12.81
C ALA A 204 16.21 -23.52 11.60
N LEU A 205 16.58 -24.78 11.42
CA LEU A 205 16.12 -25.54 10.24
C LEU A 205 15.50 -26.88 10.62
N GLY A 206 14.55 -27.31 9.77
CA GLY A 206 13.99 -28.65 9.86
C GLY A 206 13.15 -28.90 11.10
N PHE A 207 12.49 -27.87 11.67
CA PHE A 207 11.75 -28.06 12.91
C PHE A 207 10.26 -28.26 12.67
N TYR A 208 9.59 -28.84 13.68
CA TYR A 208 8.13 -29.02 13.66
C TYR A 208 7.70 -29.14 15.12
N PRO A 209 6.65 -28.39 15.56
CA PRO A 209 5.73 -27.55 14.75
C PRO A 209 6.32 -26.21 14.41
N ALA A 210 5.55 -25.30 13.77
CA ALA A 210 6.14 -24.11 13.22
C ALA A 210 6.47 -23.06 14.29
N GLU A 211 5.68 -22.99 15.34
CA GLU A 211 5.94 -22.04 16.42
C GLU A 211 7.38 -22.12 16.91
N ILE A 212 8.06 -20.98 16.96
CA ILE A 212 9.43 -20.93 17.47
C ILE A 212 9.73 -19.52 17.94
N THR A 213 10.70 -19.38 18.84
CA THR A 213 11.18 -18.04 19.16
C THR A 213 12.69 -17.99 18.97
N LEU A 214 13.15 -16.98 18.23
CA LEU A 214 14.55 -16.85 17.85
C LEU A 214 14.93 -15.41 18.15
N THR A 215 15.90 -15.19 19.03
CA THR A 215 16.24 -13.81 19.34
C THR A 215 17.76 -13.68 19.51
N TRP A 216 18.28 -12.48 19.27
CA TRP A 216 19.68 -12.20 19.59
C TRP A 216 19.73 -11.35 20.85
N GLN A 217 20.70 -11.61 21.70
CA GLN A 217 21.00 -10.76 22.85
C GLN A 217 22.41 -10.20 22.72
N ARG A 218 22.61 -8.95 23.18
CA ARG A 218 23.95 -8.39 23.35
C ARG A 218 24.23 -8.21 24.83
N ASP A 219 25.23 -8.92 25.33
CA ASP A 219 25.55 -8.96 26.76
C ASP A 219 24.32 -9.32 27.61
N GLY A 220 23.52 -10.24 27.10
CA GLY A 220 22.32 -10.59 27.82
C GLY A 220 21.16 -9.64 27.68
N GLU A 221 21.23 -8.61 26.85
CA GLU A 221 20.07 -7.74 26.70
C GLU A 221 19.49 -7.83 25.28
N ASP A 222 18.18 -7.70 25.18
CA ASP A 222 17.53 -7.96 23.90
C ASP A 222 17.87 -6.93 22.82
N GLN A 223 17.96 -7.44 21.60
CA GLN A 223 18.37 -6.63 20.46
C GLN A 223 17.23 -6.50 19.47
N THR A 224 16.01 -6.34 19.97
CA THR A 224 14.83 -6.47 19.12
C THR A 224 14.88 -5.55 17.91
N GLN A 225 15.14 -4.24 18.15
CA GLN A 225 15.11 -3.26 17.06
C GLN A 225 16.31 -3.35 16.13
N ASP A 226 17.35 -4.11 16.49
CA ASP A 226 18.54 -4.32 15.68
C ASP A 226 18.61 -5.71 15.03
N THR A 227 17.57 -6.51 15.15
CA THR A 227 17.53 -7.88 14.61
C THR A 227 16.63 -7.91 13.39
N GLU A 228 17.19 -8.38 12.27
CA GLU A 228 16.39 -8.73 11.09
C GLU A 228 15.88 -10.17 11.26
N LEU A 229 14.56 -10.37 11.25
CA LEU A 229 13.94 -11.65 11.60
C LEU A 229 13.00 -12.02 10.46
N VAL A 230 13.32 -13.09 9.66
CA VAL A 230 12.42 -13.46 8.56
C VAL A 230 11.21 -14.22 9.09
N GLU A 231 10.10 -14.21 8.34
CA GLU A 231 8.97 -14.97 8.78
C GLU A 231 9.24 -16.45 8.61
N THR A 232 8.66 -17.22 9.51
CA THR A 232 8.82 -18.66 9.50
C THR A 232 8.30 -19.18 8.17
N ARG A 233 9.06 -20.07 7.51
CA ARG A 233 8.69 -20.48 6.16
C ARG A 233 8.73 -21.98 6.02
N PRO A 234 7.90 -22.56 5.15
CA PRO A 234 7.92 -24.03 5.01
C PRO A 234 9.12 -24.47 4.19
N ALA A 235 9.80 -25.54 4.66
CA ALA A 235 10.87 -26.17 3.85
C ALA A 235 10.26 -26.87 2.65
N GLY A 236 9.00 -27.32 2.77
CA GLY A 236 8.33 -28.08 1.72
C GLY A 236 8.31 -29.59 1.94
N ASP A 237 8.92 -30.08 3.03
CA ASP A 237 8.87 -31.48 3.41
C ASP A 237 8.07 -31.65 4.70
N GLY A 238 7.31 -30.67 5.07
CA GLY A 238 6.56 -30.71 6.30
C GLY A 238 7.22 -30.03 7.47
N THR A 239 8.50 -29.60 7.34
CA THR A 239 9.16 -28.89 8.42
C THR A 239 9.35 -27.44 8.00
N PHE A 240 9.87 -26.64 8.95
CA PHE A 240 9.96 -25.19 8.79
C PHE A 240 11.37 -24.65 9.00
N GLN A 241 11.58 -23.41 8.55
CA GLN A 241 12.86 -22.72 8.67
C GLN A 241 12.65 -21.28 9.18
N LYS A 242 13.68 -20.71 9.77
CA LYS A 242 13.63 -19.31 10.19
C LYS A 242 15.05 -18.90 10.46
N TRP A 243 15.33 -17.63 10.29
CA TRP A 243 16.61 -17.13 10.77
C TRP A 243 16.44 -15.71 11.31
N ALA A 244 17.42 -15.30 12.13
CA ALA A 244 17.48 -13.98 12.79
C ALA A 244 18.90 -13.47 12.62
N ALA A 245 19.06 -12.21 12.27
CA ALA A 245 20.41 -11.70 12.01
C ALA A 245 20.63 -10.33 12.66
N VAL A 246 21.87 -10.08 13.08
CA VAL A 246 22.30 -8.82 13.66
C VAL A 246 23.63 -8.43 13.01
N VAL A 247 23.86 -7.14 12.90
CA VAL A 247 25.12 -6.61 12.38
C VAL A 247 25.96 -6.20 13.57
N VAL A 248 27.16 -6.79 13.69
CA VAL A 248 27.97 -6.57 14.90
C VAL A 248 29.34 -6.01 14.52
N PRO A 249 29.94 -5.22 15.39
CA PRO A 249 31.33 -4.76 15.17
C PRO A 249 32.34 -5.89 15.25
N SER A 250 33.28 -5.91 14.29
CA SER A 250 34.36 -6.91 14.32
C SER A 250 35.02 -6.98 15.67
N GLY A 251 35.24 -8.18 16.16
CA GLY A 251 35.85 -8.37 17.46
C GLY A 251 34.86 -8.43 18.60
N GLU A 252 33.60 -8.06 18.37
CA GLU A 252 32.61 -8.01 19.43
C GLU A 252 31.65 -9.21 19.37
N GLU A 253 31.97 -10.23 18.55
CA GLU A 253 31.07 -11.38 18.36
C GLU A 253 30.78 -12.13 19.64
N GLN A 254 31.74 -12.22 20.57
CA GLN A 254 31.49 -12.95 21.81
C GLN A 254 30.42 -12.29 22.67
N ARG A 255 30.11 -11.01 22.44
CA ARG A 255 29.08 -10.35 23.23
C ARG A 255 27.69 -10.87 22.87
N TYR A 256 27.55 -11.52 21.72
CA TYR A 256 26.26 -11.85 21.15
C TYR A 256 25.92 -13.31 21.33
N THR A 257 24.66 -13.57 21.67
CA THR A 257 24.18 -14.93 21.87
C THR A 257 22.83 -15.05 21.19
N CYS A 258 22.59 -16.20 20.54
CA CYS A 258 21.31 -16.47 19.90
C CYS A 258 20.53 -17.45 20.77
N HIS A 259 19.24 -17.18 20.91
CA HIS A 259 18.39 -17.87 21.87
C HIS A 259 17.22 -18.49 21.13
N VAL A 260 17.02 -19.78 21.35
CA VAL A 260 16.05 -20.53 20.58
C VAL A 260 15.10 -21.23 21.56
N GLN A 261 13.80 -21.01 21.38
CA GLN A 261 12.78 -21.72 22.13
C GLN A 261 11.95 -22.51 21.14
N HIS A 262 11.77 -23.79 21.42
CA HIS A 262 10.95 -24.63 20.55
C HIS A 262 10.50 -25.80 21.35
N GLU A 263 9.31 -26.26 21.02
CA GLU A 263 8.72 -27.36 21.76
C GLU A 263 9.58 -28.64 21.70
N GLY A 264 10.36 -28.85 20.65
CA GLY A 264 11.23 -30.04 20.59
C GLY A 264 12.56 -29.95 21.35
N LEU A 265 12.88 -28.86 21.89
CA LEU A 265 14.08 -28.68 22.72
C LEU A 265 13.74 -29.01 24.18
N PRO A 266 14.46 -29.91 24.85
CA PRO A 266 14.23 -30.07 26.29
C PRO A 266 14.30 -28.77 27.08
N GLU A 267 15.17 -27.84 26.69
CA GLU A 267 15.32 -26.56 27.37
C GLU A 267 15.74 -25.53 26.33
N PRO A 268 15.48 -24.23 26.56
CA PRO A 268 15.89 -23.21 25.58
C PRO A 268 17.40 -23.28 25.29
N LEU A 269 17.76 -23.02 24.03
CA LEU A 269 19.15 -23.14 23.61
C LEU A 269 19.76 -21.76 23.61
N THR A 270 21.05 -21.71 23.92
CA THR A 270 21.82 -20.48 23.72
C THR A 270 22.96 -20.87 22.77
N LEU A 271 23.15 -20.11 21.70
CA LEU A 271 24.19 -20.38 20.72
C LEU A 271 25.05 -19.15 20.49
N ARG A 272 26.27 -19.40 20.04
CA ARG A 272 27.22 -18.37 19.71
C ARG A 272 27.90 -18.75 18.40
N TRP A 273 28.50 -17.78 17.79
CA TRP A 273 29.29 -18.04 16.60
C TRP A 273 30.46 -19.05 16.89
N GLN B 2 -7.10 -4.76 0.41
CA GLN B 2 -6.10 -5.61 -0.31
C GLN B 2 -4.74 -5.66 0.39
N ARG B 3 -4.00 -6.76 0.16
CA ARG B 3 -2.75 -6.99 0.86
C ARG B 3 -1.74 -7.55 -0.12
N THR B 4 -0.56 -6.87 -0.20
CA THR B 4 0.43 -7.25 -1.20
C THR B 4 1.19 -8.45 -0.63
N PRO B 5 1.69 -9.37 -1.48
CA PRO B 5 2.34 -10.57 -0.93
C PRO B 5 3.74 -10.29 -0.33
N LYS B 6 4.03 -10.96 0.79
CA LYS B 6 5.41 -11.17 1.23
C LYS B 6 6.01 -12.28 0.39
N ILE B 7 7.31 -12.21 0.12
CA ILE B 7 7.96 -13.14 -0.81
C ILE B 7 9.25 -13.59 -0.18
N GLN B 8 9.48 -14.89 -0.13
CA GLN B 8 10.83 -15.39 0.19
C GLN B 8 11.22 -16.44 -0.82
N VAL B 9 12.48 -16.42 -1.26
CA VAL B 9 13.00 -17.42 -2.20
C VAL B 9 14.13 -18.14 -1.53
N TYR B 10 14.15 -19.49 -1.57
CA TYR B 10 15.10 -20.18 -0.71
C TYR B 10 15.09 -21.63 -1.09
N SER B 11 16.11 -22.39 -0.63
CA SER B 11 16.12 -23.82 -0.97
C SER B 11 15.60 -24.67 0.20
N ARG B 12 15.07 -25.85 -0.15
CA ARG B 12 14.60 -26.76 0.91
C ARG B 12 15.76 -27.19 1.82
N HIS B 13 16.88 -27.58 1.25
CA HIS B 13 18.09 -28.03 1.93
C HIS B 13 19.24 -27.10 1.67
N PRO B 14 20.30 -27.14 2.48
CA PRO B 14 21.45 -26.27 2.24
C PRO B 14 21.99 -26.58 0.85
N ALA B 15 22.18 -25.55 0.06
CA ALA B 15 22.57 -25.73 -1.33
C ALA B 15 23.97 -26.33 -1.42
N GLU B 16 24.14 -27.35 -2.28
CA GLU B 16 25.47 -27.90 -2.62
C GLU B 16 25.52 -28.06 -4.13
N ASN B 17 26.48 -27.40 -4.78
CA ASN B 17 26.51 -27.40 -6.25
C ASN B 17 26.59 -28.83 -6.79
N GLY B 18 25.73 -29.08 -7.77
CA GLY B 18 25.65 -30.37 -8.39
C GLY B 18 24.83 -31.38 -7.65
N LYS B 19 24.17 -31.00 -6.56
CA LYS B 19 23.33 -31.93 -5.82
C LYS B 19 21.86 -31.53 -5.95
N SER B 20 20.98 -32.51 -6.22
CA SER B 20 19.58 -32.15 -6.43
C SER B 20 18.99 -31.59 -5.14
N ASN B 21 18.02 -30.69 -5.29
CA ASN B 21 17.47 -29.90 -4.17
C ASN B 21 16.10 -29.42 -4.63
N PHE B 22 15.47 -28.53 -3.85
CA PHE B 22 14.20 -27.92 -4.24
C PHE B 22 14.32 -26.41 -4.07
N LEU B 23 13.95 -25.68 -5.09
CA LEU B 23 13.88 -24.22 -5.06
C LEU B 23 12.45 -23.83 -4.71
N ASN B 24 12.30 -23.00 -3.65
CA ASN B 24 11.00 -22.61 -3.11
C ASN B 24 10.79 -21.14 -3.35
N CYS B 25 9.54 -20.75 -3.63
CA CYS B 25 9.16 -19.34 -3.53
C CYS B 25 7.91 -19.32 -2.68
N TYR B 26 7.99 -18.70 -1.50
CA TYR B 26 6.87 -18.68 -0.55
C TYR B 26 6.24 -17.31 -0.57
N VAL B 27 4.95 -17.25 -0.95
CA VAL B 27 4.19 -16.00 -1.01
C VAL B 27 3.09 -16.06 0.07
N SER B 28 2.92 -15.01 0.85
CA SER B 28 2.02 -15.09 1.99
C SER B 28 1.44 -13.72 2.32
N GLY B 29 0.39 -13.70 3.12
CA GLY B 29 -0.13 -12.41 3.56
C GLY B 29 -0.87 -11.60 2.50
N PHE B 30 -1.31 -12.23 1.40
CA PHE B 30 -1.88 -11.48 0.27
C PHE B 30 -3.39 -11.70 0.13
N HIS B 31 -4.07 -10.71 -0.50
CA HIS B 31 -5.51 -10.76 -0.73
C HIS B 31 -5.74 -9.73 -1.84
N PRO B 32 -6.41 -10.08 -2.90
CA PRO B 32 -7.14 -11.36 -3.13
C PRO B 32 -6.22 -12.52 -3.52
N SER B 33 -6.77 -13.69 -3.83
CA SER B 33 -5.92 -14.87 -4.03
C SER B 33 -5.28 -14.94 -5.40
N ASP B 34 -5.80 -14.26 -6.44
CA ASP B 34 -5.15 -14.41 -7.74
C ASP B 34 -3.74 -13.86 -7.68
N ILE B 35 -2.78 -14.62 -8.19
CA ILE B 35 -1.37 -14.21 -8.07
C ILE B 35 -0.63 -14.92 -9.18
N GLU B 36 0.39 -14.28 -9.74
CA GLU B 36 1.24 -14.96 -10.72
C GLU B 36 2.60 -15.13 -10.09
N VAL B 37 3.09 -16.36 -10.06
CA VAL B 37 4.39 -16.63 -9.47
C VAL B 37 5.17 -17.50 -10.46
N ASP B 38 6.35 -17.01 -10.89
CA ASP B 38 7.20 -17.83 -11.74
C ASP B 38 8.54 -18.00 -11.05
N LEU B 39 9.12 -19.18 -11.20
CA LEU B 39 10.51 -19.40 -10.85
C LEU B 39 11.30 -19.21 -12.13
N LEU B 40 12.40 -18.44 -12.07
CA LEU B 40 13.22 -18.18 -13.24
C LEU B 40 14.59 -18.83 -13.10
N LYS B 41 15.09 -19.41 -14.19
CA LYS B 41 16.50 -19.83 -14.26
C LYS B 41 17.19 -18.99 -15.32
N ASN B 42 18.22 -18.22 -14.92
CA ASN B 42 18.93 -17.28 -15.82
C ASN B 42 17.95 -16.41 -16.60
N GLY B 43 16.93 -15.93 -15.89
CA GLY B 43 15.94 -15.01 -16.43
C GLY B 43 14.78 -15.67 -17.15
N GLU B 44 14.81 -16.98 -17.36
CA GLU B 44 13.80 -17.67 -18.17
C GLU B 44 12.85 -18.48 -17.27
N ARG B 45 11.56 -18.45 -17.60
CA ARG B 45 10.58 -19.15 -16.79
C ARG B 45 10.85 -20.66 -16.77
N ILE B 46 10.85 -21.24 -15.58
CA ILE B 46 10.99 -22.68 -15.41
C ILE B 46 9.61 -23.31 -15.63
N GLU B 47 9.54 -24.37 -16.44
CA GLU B 47 8.22 -24.87 -16.80
C GLU B 47 7.54 -25.76 -15.74
N LYS B 48 8.24 -26.64 -15.06
CA LYS B 48 7.40 -27.60 -14.34
C LYS B 48 7.16 -27.24 -12.86
N VAL B 49 6.77 -26.00 -12.55
CA VAL B 49 6.66 -25.60 -11.16
C VAL B 49 5.33 -26.06 -10.56
N GLU B 50 5.40 -26.64 -9.37
CA GLU B 50 4.21 -27.01 -8.61
C GLU B 50 3.90 -26.00 -7.53
N HIS B 51 2.71 -26.08 -6.96
CA HIS B 51 2.40 -25.20 -5.86
C HIS B 51 1.52 -25.92 -4.87
N SER B 52 1.57 -25.43 -3.64
CA SER B 52 0.77 -26.02 -2.58
C SER B 52 -0.70 -25.64 -2.82
N ASP B 53 -1.58 -26.22 -2.01
CA ASP B 53 -3.01 -25.96 -2.13
C ASP B 53 -3.30 -24.68 -1.38
N LEU B 54 -4.06 -23.80 -2.02
CA LEU B 54 -4.40 -22.50 -1.45
C LEU B 54 -4.99 -22.64 -0.05
N SER B 55 -4.45 -21.86 0.89
CA SER B 55 -4.90 -21.84 2.27
C SER B 55 -4.73 -20.42 2.79
N PHE B 56 -5.19 -20.15 3.99
CA PHE B 56 -5.14 -18.75 4.45
C PHE B 56 -5.04 -18.71 5.97
N SER B 57 -4.69 -17.56 6.47
CA SER B 57 -4.38 -17.33 7.86
C SER B 57 -5.60 -16.75 8.59
N GLY B 58 -5.43 -16.57 9.92
CA GLY B 58 -6.47 -16.04 10.78
C GLY B 58 -7.02 -14.71 10.28
N ASP B 59 -6.21 -13.94 9.57
CA ASP B 59 -6.69 -12.63 9.06
C ASP B 59 -7.24 -12.73 7.63
N TRP B 60 -7.53 -13.94 7.15
CA TRP B 60 -8.07 -14.22 5.83
C TRP B 60 -7.03 -14.11 4.73
N SER B 61 -5.78 -13.65 4.99
CA SER B 61 -4.81 -13.52 3.91
C SER B 61 -4.25 -14.88 3.51
N PHE B 62 -3.87 -14.99 2.26
CA PHE B 62 -3.58 -16.28 1.66
C PHE B 62 -2.08 -16.57 1.74
N TYR B 63 -1.73 -17.85 1.59
CA TYR B 63 -0.32 -18.22 1.43
C TYR B 63 -0.19 -19.46 0.52
N LEU B 64 0.91 -19.51 -0.24
CA LEU B 64 1.17 -20.56 -1.23
C LEU B 64 2.67 -20.79 -1.25
N LEU B 65 3.06 -22.04 -1.45
CA LEU B 65 4.48 -22.36 -1.71
C LEU B 65 4.57 -22.87 -3.13
N TYR B 66 5.43 -22.24 -3.94
CA TYR B 66 5.71 -22.70 -5.29
C TYR B 66 7.06 -23.36 -5.24
N TYR B 67 7.22 -24.49 -5.94
CA TYR B 67 8.52 -25.18 -5.79
C TYR B 67 8.85 -26.03 -7.01
N THR B 68 10.15 -26.29 -7.19
CA THR B 68 10.56 -27.11 -8.32
C THR B 68 11.86 -27.82 -7.94
N GLU B 69 12.02 -29.04 -8.44
CA GLU B 69 13.32 -29.69 -8.30
C GLU B 69 14.36 -28.91 -9.07
N PHE B 70 15.56 -28.68 -8.49
CA PHE B 70 16.65 -28.04 -9.20
C PHE B 70 17.98 -28.54 -8.66
N THR B 71 19.01 -28.41 -9.50
CA THR B 71 20.39 -28.76 -9.10
C THR B 71 21.24 -27.51 -9.18
N PRO B 72 21.49 -26.84 -8.06
CA PRO B 72 22.22 -25.56 -8.11
C PRO B 72 23.64 -25.79 -8.63
N THR B 73 24.19 -24.73 -9.23
CA THR B 73 25.56 -24.68 -9.73
C THR B 73 26.17 -23.36 -9.29
N GLU B 74 27.47 -23.21 -9.55
CA GLU B 74 28.15 -21.95 -9.27
C GLU B 74 27.50 -20.77 -10.00
N LYS B 75 27.23 -20.93 -11.29
CA LYS B 75 26.89 -19.75 -12.11
C LYS B 75 25.41 -19.60 -12.50
N ASP B 76 24.57 -20.62 -12.39
CA ASP B 76 23.16 -20.42 -12.72
C ASP B 76 22.47 -19.50 -11.71
N GLU B 77 21.69 -18.50 -12.19
CA GLU B 77 21.01 -17.53 -11.31
C GLU B 77 19.52 -17.84 -11.28
N TYR B 78 18.97 -17.94 -10.08
CA TYR B 78 17.58 -18.30 -9.87
C TYR B 78 16.89 -17.12 -9.22
N ALA B 79 15.59 -16.98 -9.53
CA ALA B 79 14.82 -15.88 -8.98
C ALA B 79 13.35 -16.28 -8.98
N CYS B 80 12.53 -15.51 -8.27
CA CYS B 80 11.09 -15.67 -8.28
C CYS B 80 10.49 -14.37 -8.79
N ARG B 81 9.49 -14.45 -9.65
CA ARG B 81 8.85 -13.25 -10.17
C ARG B 81 7.39 -13.32 -9.81
N VAL B 82 6.89 -12.31 -9.13
CA VAL B 82 5.56 -12.35 -8.52
C VAL B 82 4.78 -11.17 -9.06
N ASN B 83 3.58 -11.39 -9.58
CA ASN B 83 2.67 -10.26 -9.90
C ASN B 83 1.35 -10.45 -9.18
N HIS B 84 0.72 -9.34 -8.82
CA HIS B 84 -0.48 -9.32 -8.00
C HIS B 84 -1.14 -7.99 -8.25
N VAL B 85 -2.46 -7.94 -8.05
CA VAL B 85 -3.19 -6.68 -8.36
C VAL B 85 -2.69 -5.49 -7.55
N THR B 86 -2.09 -5.73 -6.38
CA THR B 86 -1.56 -4.66 -5.53
C THR B 86 -0.31 -3.99 -6.11
N LEU B 87 0.35 -4.58 -7.07
CA LEU B 87 1.70 -4.12 -7.45
C LEU B 87 1.64 -3.27 -8.71
N SER B 88 2.43 -2.19 -8.75
CA SER B 88 2.55 -1.43 -10.01
C SER B 88 3.34 -2.16 -11.09
N GLN B 89 4.23 -3.07 -10.74
CA GLN B 89 4.89 -3.94 -11.71
C GLN B 89 5.35 -5.20 -10.98
N PRO B 90 5.63 -6.28 -11.69
CA PRO B 90 6.05 -7.53 -11.00
C PRO B 90 7.30 -7.33 -10.18
N LYS B 91 7.39 -8.08 -9.08
CA LYS B 91 8.53 -7.98 -8.19
C LYS B 91 9.39 -9.20 -8.48
N ILE B 92 10.70 -8.99 -8.61
CA ILE B 92 11.64 -10.09 -8.85
C ILE B 92 12.52 -10.19 -7.60
N VAL B 93 12.59 -11.36 -6.96
CA VAL B 93 13.43 -11.56 -5.79
C VAL B 93 14.45 -12.66 -6.14
N LYS B 94 15.73 -12.35 -6.04
CA LYS B 94 16.74 -13.30 -6.49
C LYS B 94 17.01 -14.31 -5.41
N TRP B 95 17.34 -15.52 -5.82
CA TRP B 95 17.71 -16.55 -4.88
C TRP B 95 19.13 -16.27 -4.40
N ASP B 96 19.34 -16.31 -3.09
CA ASP B 96 20.64 -16.17 -2.45
C ASP B 96 20.78 -17.38 -1.54
N ARG B 97 21.72 -18.26 -1.86
CA ARG B 97 21.85 -19.52 -1.10
C ARG B 97 22.21 -19.32 0.39
N ASP B 98 22.61 -18.13 0.78
CA ASP B 98 22.86 -17.84 2.20
C ASP B 98 21.64 -17.22 2.89
N MET B 99 20.47 -17.11 2.24
CA MET B 99 19.32 -16.50 2.96
C MET B 99 17.90 -17.20 2.93
N MET C 1 -11.81 -35.22 9.25
CA MET C 1 -13.23 -35.41 8.88
C MET C 1 -14.01 -34.13 8.72
N ALA C 2 -14.49 -33.88 7.50
CA ALA C 2 -15.10 -32.61 7.18
C ALA C 2 -16.56 -32.55 7.61
N ARG C 3 -17.01 -31.33 7.71
CA ARG C 3 -18.41 -31.03 7.98
C ARG C 3 -19.30 -31.54 6.85
N GLU C 4 -20.54 -31.95 7.18
CA GLU C 4 -21.49 -32.29 6.11
C GLU C 4 -21.79 -31.02 5.31
N LEU C 5 -22.38 -31.23 4.12
CA LEU C 5 -22.85 -30.14 3.26
C LEU C 5 -23.60 -29.10 4.08
N HIS C 6 -23.31 -27.83 3.85
CA HIS C 6 -23.85 -26.71 4.61
C HIS C 6 -24.86 -26.00 3.74
N PRO C 7 -25.94 -25.48 4.31
CA PRO C 7 -26.85 -24.64 3.55
C PRO C 7 -26.09 -23.51 2.86
N GLU C 8 -26.63 -23.10 1.72
CA GLU C 8 -26.09 -21.96 0.99
C GLU C 8 -26.20 -20.67 1.82
N TYR C 9 -25.32 -19.70 1.50
CA TYR C 9 -25.32 -18.39 2.14
C TYR C 9 -26.53 -17.57 1.66
N HIS D 2 7.40 15.74 -20.03
CA HIS D 2 8.16 16.08 -18.82
C HIS D 2 8.36 17.59 -18.70
N SER D 3 8.48 18.07 -17.47
CA SER D 3 8.61 19.51 -17.22
C SER D 3 9.47 19.74 -16.01
N MET D 4 10.11 20.91 -15.91
CA MET D 4 10.72 21.27 -14.62
C MET D 4 10.09 22.59 -14.24
N ARG D 5 9.62 22.70 -12.99
CA ARG D 5 8.87 23.91 -12.62
C ARG D 5 9.32 24.41 -11.25
N TYR D 6 9.45 25.75 -11.13
CA TYR D 6 9.85 26.41 -9.90
C TYR D 6 8.70 27.32 -9.43
N PHE D 7 8.52 27.40 -8.09
CA PHE D 7 7.40 28.15 -7.51
C PHE D 7 7.99 28.98 -6.41
N TYR D 8 7.95 30.32 -6.55
CA TYR D 8 8.48 31.23 -5.54
C TYR D 8 7.34 31.99 -4.90
N THR D 9 7.39 32.10 -3.54
CA THR D 9 6.39 32.90 -2.79
C THR D 9 7.12 33.79 -1.81
N ALA D 10 6.89 35.12 -1.88
CA ALA D 10 7.43 36.04 -0.90
C ALA D 10 6.26 36.76 -0.25
N VAL D 11 6.29 36.88 1.07
CA VAL D 11 5.16 37.38 1.84
C VAL D 11 5.68 38.40 2.85
N SER D 12 5.16 39.64 2.81
CA SER D 12 5.62 40.63 3.81
C SER D 12 4.84 40.42 5.12
N ARG D 13 5.42 40.86 6.23
CA ARG D 13 4.82 40.68 7.55
C ARG D 13 5.20 41.87 8.40
N PRO D 14 4.62 43.03 8.10
CA PRO D 14 5.04 44.31 8.70
C PRO D 14 4.90 44.24 10.20
N GLY D 15 5.92 44.65 10.91
CA GLY D 15 5.84 44.52 12.33
C GLY D 15 6.46 43.26 12.83
N ARG D 16 6.73 42.33 11.93
CA ARG D 16 7.31 41.08 12.27
C ARG D 16 8.59 40.74 11.48
N GLY D 17 9.37 41.71 11.12
CA GLY D 17 10.61 41.39 10.41
C GLY D 17 10.46 41.53 8.91
N GLU D 18 11.52 41.10 8.21
CA GLU D 18 11.52 41.27 6.77
C GLU D 18 10.72 40.14 6.11
N PRO D 19 10.27 40.34 4.86
CA PRO D 19 9.48 39.31 4.19
C PRO D 19 10.16 37.95 4.16
N ARG D 20 9.31 36.93 4.18
CA ARG D 20 9.76 35.54 4.10
C ARG D 20 9.70 35.06 2.66
N PHE D 21 10.77 34.39 2.18
CA PHE D 21 10.81 33.88 0.81
C PHE D 21 10.89 32.35 0.82
N ILE D 22 10.01 31.68 0.08
CA ILE D 22 10.01 30.21 -0.03
C ILE D 22 10.14 29.87 -1.49
N ALA D 23 11.00 28.90 -1.84
CA ALA D 23 11.08 28.42 -3.21
C ALA D 23 10.93 26.91 -3.17
N VAL D 24 10.26 26.32 -4.16
CA VAL D 24 10.23 24.87 -4.33
C VAL D 24 10.36 24.55 -5.81
N GLY D 25 11.03 23.44 -6.14
CA GLY D 25 11.20 23.04 -7.52
C GLY D 25 10.75 21.60 -7.71
N TYR D 26 10.16 21.33 -8.85
CA TYR D 26 9.55 20.03 -9.17
C TYR D 26 10.08 19.60 -10.52
N VAL D 27 10.22 18.28 -10.70
CA VAL D 27 10.22 17.67 -12.04
C VAL D 27 8.89 16.91 -12.13
N ASP D 28 8.05 17.28 -13.10
CA ASP D 28 6.72 16.70 -13.15
C ASP D 28 6.04 16.87 -11.80
N ASP D 29 5.54 15.78 -11.19
CA ASP D 29 4.83 15.92 -9.91
C ASP D 29 5.69 15.50 -8.75
N THR D 30 7.01 15.56 -8.92
CA THR D 30 7.97 15.19 -7.87
C THR D 30 8.79 16.40 -7.44
N GLN D 31 8.66 16.80 -6.18
CA GLN D 31 9.47 17.90 -5.68
C GLN D 31 10.92 17.43 -5.51
N PHE D 32 11.85 18.31 -5.81
CA PHE D 32 13.26 17.96 -5.58
C PHE D 32 14.07 18.98 -4.81
N VAL D 33 13.53 20.18 -4.55
CA VAL D 33 14.31 21.18 -3.83
C VAL D 33 13.36 22.04 -3.04
N ARG D 34 13.87 22.60 -1.95
CA ARG D 34 13.16 23.70 -1.29
C ARG D 34 14.19 24.66 -0.74
N PHE D 35 13.72 25.89 -0.46
CA PHE D 35 14.51 26.89 0.21
C PHE D 35 13.54 27.70 1.07
N ASP D 36 13.90 27.98 2.29
CA ASP D 36 13.07 28.75 3.22
C ASP D 36 13.98 29.82 3.83
N SER D 37 13.69 31.10 3.53
CA SER D 37 14.58 32.14 4.04
C SER D 37 14.54 32.27 5.55
N ASP D 38 13.54 31.68 6.23
CA ASP D 38 13.47 31.75 7.67
C ASP D 38 14.35 30.69 8.36
N ALA D 39 14.91 29.74 7.61
CA ALA D 39 15.66 28.65 8.27
C ALA D 39 16.92 29.21 8.96
N ALA D 40 17.42 28.44 9.96
CA ALA D 40 18.61 28.89 10.72
C ALA D 40 19.81 29.14 9.81
N SER D 41 20.04 28.29 8.85
CA SER D 41 21.09 28.64 7.89
C SER D 41 20.44 28.34 6.55
N PRO D 42 19.77 29.32 5.95
CA PRO D 42 18.98 29.02 4.75
C PRO D 42 19.86 28.47 3.64
N ARG D 43 19.43 27.36 3.07
CA ARG D 43 20.16 26.70 1.98
C ARG D 43 19.16 26.02 1.04
N GLY D 44 19.54 25.90 -0.21
CA GLY D 44 18.73 25.04 -1.04
C GLY D 44 18.92 23.62 -0.49
N GLU D 45 17.85 22.86 -0.30
CA GLU D 45 17.87 21.51 0.32
C GLU D 45 17.28 20.47 -0.61
N PRO D 46 17.91 19.29 -0.74
CA PRO D 46 17.36 18.24 -1.59
C PRO D 46 16.08 17.69 -1.02
N ARG D 47 15.11 17.41 -1.89
CA ARG D 47 13.85 16.79 -1.45
C ARG D 47 13.55 15.52 -2.23
N ALA D 48 14.45 15.08 -3.12
CA ALA D 48 14.32 13.84 -3.85
C ALA D 48 15.70 13.20 -3.84
N PRO D 49 15.77 11.87 -3.83
CA PRO D 49 17.10 11.23 -3.76
C PRO D 49 17.97 11.47 -4.99
N TRP D 50 17.36 11.73 -6.14
CA TRP D 50 18.16 11.85 -7.35
C TRP D 50 18.81 13.24 -7.53
N VAL D 51 18.75 14.15 -6.57
CA VAL D 51 19.62 15.32 -6.53
C VAL D 51 20.53 15.30 -5.30
N GLU D 52 20.42 14.28 -4.43
CA GLU D 52 21.24 14.24 -3.21
C GLU D 52 22.70 14.05 -3.51
N GLN D 53 23.03 13.55 -4.65
CA GLN D 53 24.39 13.34 -5.01
C GLN D 53 25.02 14.46 -5.82
N GLU D 54 24.29 15.53 -6.08
CA GLU D 54 24.81 16.62 -6.85
C GLU D 54 26.12 17.29 -6.41
N GLY D 55 26.43 17.32 -5.16
CA GLY D 55 27.69 17.94 -4.78
C GLY D 55 27.56 19.26 -4.09
N PRO D 56 28.48 19.56 -3.17
CA PRO D 56 28.40 20.83 -2.45
C PRO D 56 28.48 22.07 -3.33
N GLU D 57 29.31 22.05 -4.34
CA GLU D 57 29.38 23.21 -5.24
C GLU D 57 28.03 23.47 -5.89
N TYR D 58 27.35 22.41 -6.34
CA TYR D 58 26.00 22.58 -6.88
C TYR D 58 25.07 23.20 -5.84
N TRP D 59 25.08 22.65 -4.62
CA TRP D 59 24.10 23.14 -3.63
C TRP D 59 24.47 24.53 -3.15
N ASP D 60 25.76 24.88 -3.09
CA ASP D 60 26.16 26.24 -2.73
C ASP D 60 25.66 27.25 -3.76
N ARG D 61 25.75 26.89 -5.00
CA ARG D 61 25.33 27.74 -6.08
C ARG D 61 23.81 27.99 -6.05
N GLU D 62 23.07 26.92 -5.90
CA GLU D 62 21.61 27.10 -5.75
C GLU D 62 21.30 27.96 -4.52
N THR D 63 21.93 27.64 -3.38
CA THR D 63 21.75 28.47 -2.18
C THR D 63 21.98 29.96 -2.44
N GLN D 64 23.04 30.30 -3.17
CA GLN D 64 23.36 31.70 -3.42
C GLN D 64 22.23 32.39 -4.23
N LYS D 65 21.75 31.69 -5.26
CA LYS D 65 20.64 32.21 -6.06
C LYS D 65 19.45 32.52 -5.18
N TYR D 66 19.02 31.56 -4.33
CA TYR D 66 17.83 31.78 -3.50
C TYR D 66 18.04 32.91 -2.50
N LYS D 67 19.22 32.98 -1.87
CA LYS D 67 19.45 34.05 -0.90
C LYS D 67 19.40 35.39 -1.60
N ARG D 68 20.06 35.49 -2.76
CA ARG D 68 20.03 36.75 -3.50
C ARG D 68 18.61 37.06 -3.97
N GLN D 69 17.88 36.05 -4.41
CA GLN D 69 16.51 36.30 -4.85
C GLN D 69 15.65 36.75 -3.69
N ALA D 70 15.80 36.12 -2.52
CA ALA D 70 15.00 36.55 -1.38
C ALA D 70 15.24 38.04 -1.09
N GLN D 71 16.51 38.47 -1.14
CA GLN D 71 16.78 39.88 -0.88
C GLN D 71 16.15 40.75 -1.95
N ALA D 72 16.19 40.31 -3.20
CA ALA D 72 15.58 41.09 -4.28
C ALA D 72 14.05 41.17 -4.12
N ASP D 73 13.40 40.05 -3.78
CA ASP D 73 11.94 40.10 -3.56
C ASP D 73 11.53 41.07 -2.44
N ARG D 74 12.37 41.23 -1.39
CA ARG D 74 12.03 42.21 -0.37
C ARG D 74 12.00 43.62 -0.94
N VAL D 75 12.94 43.92 -1.83
CA VAL D 75 12.92 45.24 -2.48
C VAL D 75 11.74 45.35 -3.43
N SER D 76 11.51 44.32 -4.23
CA SER D 76 10.34 44.26 -5.11
C SER D 76 9.04 44.48 -4.37
N LEU D 77 8.87 43.86 -3.20
CA LEU D 77 7.62 44.09 -2.47
C LEU D 77 7.48 45.55 -2.06
N ARG D 78 8.60 46.18 -1.71
CA ARG D 78 8.52 47.61 -1.44
C ARG D 78 8.22 48.40 -2.72
N ASN D 79 8.84 48.04 -3.84
CA ASN D 79 8.52 48.73 -5.09
C ASN D 79 7.04 48.58 -5.42
N LEU D 80 6.53 47.36 -5.28
CA LEU D 80 5.13 47.06 -5.63
C LEU D 80 4.17 47.87 -4.77
N ARG D 81 4.41 47.94 -3.45
CA ARG D 81 3.46 48.76 -2.70
C ARG D 81 3.55 50.24 -3.11
N GLY D 82 4.72 50.68 -3.55
CA GLY D 82 4.82 52.03 -4.13
C GLY D 82 3.96 52.21 -5.37
N TYR D 83 4.06 51.28 -6.33
CA TYR D 83 3.22 51.35 -7.54
C TYR D 83 1.76 51.46 -7.21
N TYR D 84 1.27 50.69 -6.23
CA TYR D 84 -0.16 50.65 -5.90
C TYR D 84 -0.57 51.65 -4.82
N ASN D 85 0.36 52.51 -4.37
CA ASN D 85 0.10 53.46 -3.28
C ASN D 85 -0.40 52.76 -2.02
N GLN D 86 0.21 51.64 -1.66
CA GLN D 86 -0.21 50.92 -0.48
C GLN D 86 0.70 51.30 0.70
N SER D 87 0.17 51.17 1.92
CA SER D 87 0.90 51.59 3.10
C SER D 87 1.83 50.47 3.57
N GLU D 88 2.66 50.80 4.54
CA GLU D 88 3.59 49.82 5.09
C GLU D 88 2.90 48.85 6.06
N ALA D 89 1.60 48.98 6.31
CA ALA D 89 0.95 48.26 7.39
C ALA D 89 0.43 46.89 6.99
N GLY D 90 0.10 46.68 5.72
CA GLY D 90 -0.51 45.42 5.31
C GLY D 90 0.46 44.38 4.77
N SER D 91 0.09 43.11 4.94
CA SER D 91 0.85 41.99 4.35
C SER D 91 0.48 41.83 2.88
N HIS D 92 1.49 41.65 1.99
CA HIS D 92 1.26 41.40 0.58
C HIS D 92 2.07 40.21 0.09
N THR D 93 1.67 39.65 -1.05
CA THR D 93 2.25 38.42 -1.56
C THR D 93 2.79 38.60 -2.96
N LEU D 94 3.98 38.07 -3.24
CA LEU D 94 4.55 38.08 -4.59
C LEU D 94 4.82 36.62 -4.93
N GLN D 95 4.24 36.16 -6.03
CA GLN D 95 4.43 34.80 -6.49
C GLN D 95 5.00 34.80 -7.88
N ARG D 96 5.87 33.80 -8.15
CA ARG D 96 6.39 33.65 -9.48
C ARG D 96 6.44 32.17 -9.76
N MET D 97 6.03 31.78 -10.98
CA MET D 97 6.17 30.43 -11.45
C MET D 97 6.84 30.42 -12.81
N TYR D 98 7.88 29.59 -13.00
CA TYR D 98 8.53 29.50 -14.31
C TYR D 98 8.96 28.04 -14.54
N GLY D 99 9.25 27.70 -15.78
CA GLY D 99 9.67 26.33 -16.03
C GLY D 99 9.69 26.03 -17.51
N CYS D 100 9.98 24.74 -17.81
CA CYS D 100 10.15 24.36 -19.18
C CYS D 100 9.50 23.01 -19.37
N ASP D 101 8.86 22.84 -20.52
CA ASP D 101 8.37 21.57 -21.02
C ASP D 101 9.36 21.02 -22.03
N LEU D 102 9.71 19.73 -21.89
CA LEU D 102 10.72 19.09 -22.75
C LEU D 102 10.07 18.50 -23.99
N GLY D 103 10.69 18.74 -25.16
CA GLY D 103 10.16 18.21 -26.42
C GLY D 103 10.75 16.85 -26.81
N PRO D 104 10.16 16.19 -27.82
CA PRO D 104 10.64 14.83 -28.16
C PRO D 104 12.03 14.84 -28.76
N ASP D 105 12.52 15.99 -29.23
CA ASP D 105 13.93 16.06 -29.68
C ASP D 105 14.91 16.38 -28.54
N GLY D 106 14.43 16.52 -27.32
CA GLY D 106 15.26 16.93 -26.19
C GLY D 106 15.53 18.43 -26.08
N ARG D 107 14.92 19.24 -26.92
CA ARG D 107 14.97 20.69 -26.77
C ARG D 107 13.71 21.20 -26.07
N LEU D 108 13.70 22.51 -25.82
CA LEU D 108 12.57 23.19 -25.19
C LEU D 108 11.36 23.07 -26.09
N LEU D 109 10.30 22.52 -25.57
CA LEU D 109 9.02 22.55 -26.27
C LEU D 109 8.27 23.85 -25.99
N ARG D 110 8.24 24.24 -24.72
CA ARG D 110 7.54 25.46 -24.32
C ARG D 110 8.16 25.94 -23.02
N GLY D 111 8.47 27.24 -22.93
CA GLY D 111 9.03 27.74 -21.68
C GLY D 111 8.04 28.75 -21.15
N TYR D 112 8.03 29.03 -19.83
CA TYR D 112 7.04 29.96 -19.35
C TYR D 112 7.55 30.65 -18.09
N ASP D 113 7.01 31.84 -17.84
CA ASP D 113 7.31 32.61 -16.63
C ASP D 113 6.10 33.53 -16.39
N GLN D 114 5.52 33.45 -15.19
CA GLN D 114 4.33 34.23 -14.81
C GLN D 114 4.49 34.73 -13.38
N SER D 115 4.02 35.94 -13.09
CA SER D 115 4.05 36.49 -11.75
C SER D 115 2.65 36.97 -11.34
N ALA D 116 2.39 36.89 -10.05
CA ALA D 116 1.16 37.42 -9.44
C ALA D 116 1.50 38.27 -8.23
N TYR D 117 0.74 39.35 -8.05
CA TYR D 117 0.83 40.15 -6.83
C TYR D 117 -0.52 40.10 -6.11
N ASP D 118 -0.51 39.73 -4.83
CA ASP D 118 -1.71 39.55 -4.05
C ASP D 118 -2.71 38.61 -4.74
N GLY D 119 -2.20 37.57 -5.37
CA GLY D 119 -3.06 36.57 -6.00
C GLY D 119 -3.62 36.94 -7.36
N LYS D 120 -3.24 38.08 -7.93
CA LYS D 120 -3.75 38.52 -9.23
C LYS D 120 -2.63 38.53 -10.25
N ASP D 121 -2.92 38.06 -11.50
CA ASP D 121 -1.95 38.12 -12.58
C ASP D 121 -1.31 39.51 -12.61
N TYR D 122 0.03 39.54 -12.71
CA TYR D 122 0.78 40.79 -12.76
C TYR D 122 1.56 40.96 -14.07
N ILE D 123 2.49 40.04 -14.38
CA ILE D 123 3.23 40.11 -15.64
C ILE D 123 3.61 38.71 -16.06
N ALA D 124 3.60 38.46 -17.37
CA ALA D 124 3.90 37.12 -17.89
C ALA D 124 4.83 37.26 -19.09
N LEU D 125 5.77 36.33 -19.20
CA LEU D 125 6.57 36.23 -20.42
C LEU D 125 5.66 35.65 -21.50
N ASN D 126 5.69 36.25 -22.71
CA ASN D 126 4.88 35.75 -23.82
C ASN D 126 5.47 34.43 -24.36
N GLU D 127 4.66 33.66 -25.07
CA GLU D 127 5.11 32.38 -25.59
C GLU D 127 6.38 32.44 -26.41
N ASP D 128 6.58 33.51 -27.14
CA ASP D 128 7.78 33.60 -27.97
C ASP D 128 9.04 33.91 -27.18
N LEU D 129 8.97 34.11 -25.86
CA LEU D 129 10.14 34.33 -25.02
C LEU D 129 10.87 35.63 -25.36
N ARG D 130 10.19 36.57 -26.01
CA ARG D 130 10.84 37.81 -26.44
C ARG D 130 10.24 39.04 -25.78
N SER D 131 9.06 38.96 -25.19
CA SER D 131 8.31 40.13 -24.76
C SER D 131 7.41 39.74 -23.58
N TRP D 132 6.73 40.73 -23.01
CA TRP D 132 5.95 40.53 -21.79
C TRP D 132 4.54 40.98 -22.01
N THR D 133 3.62 40.41 -21.21
CA THR D 133 2.25 40.92 -21.12
C THR D 133 2.06 41.41 -19.71
N ALA D 134 1.72 42.69 -19.58
CA ALA D 134 1.55 43.36 -18.28
C ALA D 134 0.07 43.52 -18.01
N ALA D 135 -0.36 43.18 -16.78
CA ALA D 135 -1.80 43.16 -16.54
C ALA D 135 -2.40 44.54 -16.20
N ASP D 136 -1.62 45.47 -15.68
CA ASP D 136 -2.12 46.76 -15.23
C ASP D 136 -1.00 47.78 -15.36
N THR D 137 -1.29 49.05 -14.97
CA THR D 137 -0.28 50.07 -15.21
C THR D 137 0.92 49.90 -14.29
N ALA D 138 0.75 49.28 -13.12
CA ALA D 138 1.94 48.99 -12.28
C ALA D 138 2.88 48.02 -12.99
N ALA D 139 2.31 46.91 -13.46
CA ALA D 139 3.12 45.94 -14.19
C ALA D 139 3.77 46.53 -15.44
N GLN D 140 3.21 47.61 -16.01
CA GLN D 140 3.88 48.18 -17.18
C GLN D 140 5.19 48.90 -16.79
N ILE D 141 5.25 49.38 -15.56
CA ILE D 141 6.50 49.90 -15.03
C ILE D 141 7.52 48.77 -14.93
N THR D 142 7.11 47.65 -14.32
CA THR D 142 8.05 46.50 -14.24
C THR D 142 8.51 46.11 -15.63
N GLN D 143 7.57 46.02 -16.59
CA GLN D 143 7.94 45.66 -17.96
C GLN D 143 9.02 46.58 -18.52
N ARG D 144 8.90 47.88 -18.25
CA ARG D 144 9.87 48.83 -18.77
C ARG D 144 11.23 48.61 -18.16
N LYS D 145 11.27 48.28 -16.88
CA LYS D 145 12.55 47.97 -16.25
C LYS D 145 13.15 46.71 -16.85
N TRP D 146 12.34 45.68 -17.05
CA TRP D 146 12.85 44.42 -17.55
C TRP D 146 13.25 44.55 -19.01
N GLU D 147 12.51 45.34 -19.75
CA GLU D 147 12.93 45.59 -21.13
C GLU D 147 14.26 46.32 -21.19
N ALA D 148 14.41 47.38 -20.40
CA ALA D 148 15.69 48.09 -20.35
C ALA D 148 16.83 47.15 -19.98
N ALA D 149 16.60 46.20 -19.10
CA ALA D 149 17.63 45.23 -18.72
C ALA D 149 17.79 44.10 -19.71
N ARG D 150 17.00 44.06 -20.78
CA ARG D 150 17.09 42.99 -21.77
C ARG D 150 16.93 41.63 -21.08
N GLU D 151 16.00 41.57 -20.12
CA GLU D 151 15.90 40.32 -19.34
C GLU D 151 15.22 39.22 -20.13
N ALA D 152 14.35 39.56 -21.10
CA ALA D 152 13.76 38.46 -21.86
C ALA D 152 14.86 37.61 -22.56
N GLU D 153 15.98 38.21 -23.00
CA GLU D 153 17.03 37.38 -23.59
C GLU D 153 17.63 36.41 -22.56
N GLN D 154 17.83 36.87 -21.33
CA GLN D 154 18.26 35.99 -20.26
C GLN D 154 17.25 34.86 -20.03
N TRP D 155 15.96 35.15 -20.06
CA TRP D 155 14.98 34.07 -19.90
C TRP D 155 15.11 33.08 -21.05
N ARG D 156 15.21 33.60 -22.27
CA ARG D 156 15.30 32.68 -23.40
C ARG D 156 16.54 31.78 -23.25
N ALA D 157 17.66 32.37 -22.82
CA ALA D 157 18.90 31.61 -22.67
C ALA D 157 18.73 30.52 -21.61
N TYR D 158 18.02 30.86 -20.53
CA TYR D 158 17.81 29.90 -19.45
C TYR D 158 16.87 28.80 -19.90
N LEU D 159 15.73 29.17 -20.48
CA LEU D 159 14.70 28.19 -20.79
C LEU D 159 15.12 27.26 -21.94
N GLU D 160 15.77 27.79 -22.95
CA GLU D 160 16.23 26.96 -24.05
C GLU D 160 17.47 26.14 -23.72
N GLY D 161 18.28 26.56 -22.74
CA GLY D 161 19.52 25.92 -22.39
C GLY D 161 19.44 25.27 -21.03
N THR D 162 19.90 25.99 -20.00
CA THR D 162 20.03 25.44 -18.64
C THR D 162 18.79 24.63 -18.24
N CYS D 163 17.59 25.20 -18.44
CA CYS D 163 16.38 24.55 -17.89
C CYS D 163 16.20 23.14 -18.47
N VAL D 164 16.19 23.01 -19.81
CA VAL D 164 15.98 21.68 -20.38
C VAL D 164 17.19 20.80 -20.14
N GLU D 165 18.39 21.35 -20.22
CA GLU D 165 19.56 20.48 -20.03
C GLU D 165 19.57 19.86 -18.64
N TRP D 166 19.28 20.67 -17.61
CA TRP D 166 19.24 20.12 -16.26
C TRP D 166 17.99 19.25 -16.05
N LEU D 167 16.88 19.56 -16.69
CA LEU D 167 15.74 18.65 -16.58
C LEU D 167 16.08 17.26 -17.16
N ARG D 168 16.78 17.23 -18.30
CA ARG D 168 17.20 15.94 -18.86
C ARG D 168 18.17 15.21 -17.93
N ARG D 169 19.08 15.94 -17.31
CA ARG D 169 19.99 15.27 -16.35
C ARG D 169 19.21 14.66 -15.23
N TYR D 170 18.28 15.43 -14.65
CA TYR D 170 17.47 14.85 -13.53
C TYR D 170 16.67 13.64 -13.98
N LEU D 171 16.09 13.73 -15.18
CA LEU D 171 15.27 12.61 -15.63
C LEU D 171 16.12 11.35 -15.75
N GLU D 172 17.37 11.50 -16.11
CA GLU D 172 18.26 10.36 -16.27
C GLU D 172 18.68 9.82 -14.91
N ASN D 173 19.18 10.72 -14.04
CA ASN D 173 19.57 10.30 -12.70
C ASN D 173 18.39 9.69 -11.92
N GLY D 174 17.17 10.19 -12.19
CA GLY D 174 16.02 9.74 -11.45
C GLY D 174 15.16 8.78 -12.25
N LYS D 175 15.72 8.17 -13.29
CA LYS D 175 14.86 7.54 -14.30
C LYS D 175 14.03 6.40 -13.73
N GLU D 176 14.52 5.71 -12.69
CA GLU D 176 13.77 4.58 -12.14
C GLU D 176 12.48 4.99 -11.46
N THR D 177 12.35 6.25 -11.04
CA THR D 177 11.07 6.70 -10.49
C THR D 177 10.41 7.74 -11.37
N LEU D 178 11.18 8.70 -11.89
CA LEU D 178 10.56 9.77 -12.68
C LEU D 178 10.03 9.29 -14.02
N GLN D 179 10.68 8.30 -14.64
CA GLN D 179 10.25 7.85 -15.96
C GLN D 179 9.42 6.57 -15.91
N ARG D 180 8.86 6.23 -14.77
CA ARG D 180 8.05 5.03 -14.63
C ARG D 180 6.67 5.46 -14.11
N ALA D 181 5.62 5.39 -14.93
CA ALA D 181 4.28 5.66 -14.38
C ALA D 181 3.85 4.53 -13.44
N GLU D 182 2.98 4.86 -12.48
CA GLU D 182 2.40 3.86 -11.59
C GLU D 182 0.91 3.90 -11.80
N HIS D 183 0.34 2.82 -12.32
CA HIS D 183 -1.07 2.89 -12.68
C HIS D 183 -1.92 2.94 -11.41
N PRO D 184 -3.11 3.52 -11.48
CA PRO D 184 -3.94 3.61 -10.30
C PRO D 184 -4.44 2.23 -9.88
N LYS D 185 -4.46 1.99 -8.57
CA LYS D 185 -5.10 0.79 -8.03
C LYS D 185 -6.56 1.18 -7.83
N THR D 186 -7.50 0.46 -8.46
CA THR D 186 -8.88 0.95 -8.50
C THR D 186 -9.84 -0.01 -7.79
N HIS D 187 -10.90 0.56 -7.24
CA HIS D 187 -12.02 -0.25 -6.82
C HIS D 187 -13.24 0.65 -6.71
N VAL D 188 -14.38 -0.02 -6.51
CA VAL D 188 -15.68 0.62 -6.31
C VAL D 188 -16.18 0.25 -4.93
N THR D 189 -16.69 1.22 -4.15
CA THR D 189 -17.32 0.90 -2.88
C THR D 189 -18.77 1.38 -2.95
N HIS D 190 -19.59 0.92 -2.01
CA HIS D 190 -21.04 1.07 -2.03
C HIS D 190 -21.47 1.52 -0.63
N HIS D 191 -22.25 2.60 -0.56
CA HIS D 191 -22.60 3.26 0.70
C HIS D 191 -24.08 3.62 0.65
N PRO D 192 -24.96 2.75 1.15
CA PRO D 192 -26.39 3.09 1.17
C PRO D 192 -26.62 4.39 1.91
N VAL D 193 -27.50 5.21 1.35
CA VAL D 193 -27.87 6.47 1.96
C VAL D 193 -29.29 6.44 2.48
N SER D 194 -30.13 5.53 2.00
CA SER D 194 -31.51 5.38 2.45
C SER D 194 -32.02 4.07 1.88
N ASP D 195 -33.29 3.75 2.15
CA ASP D 195 -33.82 2.51 1.58
C ASP D 195 -33.92 2.62 0.08
N HIS D 196 -33.85 3.85 -0.46
CA HIS D 196 -34.10 4.09 -1.86
C HIS D 196 -32.86 4.41 -2.68
N GLU D 197 -31.73 4.78 -2.07
CA GLU D 197 -30.57 5.27 -2.83
C GLU D 197 -29.28 4.80 -2.19
N ALA D 198 -28.22 4.75 -3.00
CA ALA D 198 -26.89 4.40 -2.48
C ALA D 198 -25.84 5.14 -3.26
N THR D 199 -24.73 5.43 -2.58
CA THR D 199 -23.59 6.07 -3.22
C THR D 199 -22.70 4.99 -3.77
N LEU D 200 -22.33 5.13 -5.05
CA LEU D 200 -21.21 4.35 -5.62
C LEU D 200 -20.01 5.27 -5.71
N ARG D 201 -18.85 4.84 -5.15
CA ARG D 201 -17.66 5.68 -5.15
C ARG D 201 -16.56 4.89 -5.87
N CYS D 202 -16.00 5.47 -6.91
CA CYS D 202 -14.94 4.82 -7.68
C CYS D 202 -13.61 5.43 -7.23
N TRP D 203 -12.69 4.58 -6.77
CA TRP D 203 -11.43 5.04 -6.20
C TRP D 203 -10.26 4.78 -7.17
N ALA D 204 -9.28 5.69 -7.16
CA ALA D 204 -8.00 5.52 -7.86
C ALA D 204 -6.93 5.85 -6.84
N LEU D 205 -6.06 4.88 -6.54
CA LEU D 205 -5.11 5.06 -5.47
C LEU D 205 -3.70 4.74 -5.93
N GLY D 206 -2.72 5.38 -5.27
CA GLY D 206 -1.30 5.05 -5.50
C GLY D 206 -0.82 5.32 -6.90
N PHE D 207 -1.38 6.31 -7.63
CA PHE D 207 -0.94 6.48 -9.00
C PHE D 207 0.09 7.62 -9.15
N TYR D 208 0.83 7.58 -10.27
CA TYR D 208 1.84 8.59 -10.59
C TYR D 208 2.01 8.54 -12.11
N PRO D 209 2.04 9.70 -12.80
CA PRO D 209 1.87 11.11 -12.31
C PRO D 209 0.43 11.42 -11.90
N ALA D 210 0.16 12.67 -11.44
CA ALA D 210 -1.12 12.98 -10.84
C ALA D 210 -2.25 13.10 -11.86
N GLU D 211 -1.94 13.42 -13.10
CA GLU D 211 -3.00 13.57 -14.11
C GLU D 211 -3.81 12.29 -14.21
N ILE D 212 -5.14 12.39 -14.20
CA ILE D 212 -6.02 11.21 -14.27
C ILE D 212 -7.40 11.75 -14.62
N THR D 213 -8.22 10.90 -15.24
CA THR D 213 -9.65 11.19 -15.47
C THR D 213 -10.51 10.05 -14.92
N LEU D 214 -11.48 10.39 -14.10
CA LEU D 214 -12.41 9.41 -13.51
C LEU D 214 -13.81 9.88 -13.85
N THR D 215 -14.63 9.01 -14.41
CA THR D 215 -15.96 9.46 -14.82
C THR D 215 -16.93 8.33 -14.56
N TRP D 216 -18.14 8.68 -14.20
CA TRP D 216 -19.20 7.68 -14.07
C TRP D 216 -20.10 7.77 -15.27
N GLN D 217 -20.56 6.62 -15.77
CA GLN D 217 -21.57 6.56 -16.83
C GLN D 217 -22.77 5.78 -16.32
N ARG D 218 -23.96 6.12 -16.84
CA ARG D 218 -25.19 5.37 -16.57
C ARG D 218 -25.68 4.88 -17.92
N ASP D 219 -25.72 3.56 -18.13
CA ASP D 219 -26.10 3.05 -19.45
C ASP D 219 -25.25 3.68 -20.55
N GLY D 220 -23.98 3.95 -20.27
CA GLY D 220 -23.07 4.52 -21.26
C GLY D 220 -23.17 6.02 -21.45
N GLU D 221 -23.97 6.71 -20.65
CA GLU D 221 -24.17 8.15 -20.78
C GLU D 221 -23.46 8.87 -19.63
N ASP D 222 -22.59 9.82 -19.97
CA ASP D 222 -21.80 10.49 -18.95
C ASP D 222 -22.74 11.11 -17.92
N GLN D 223 -22.35 11.03 -16.66
CA GLN D 223 -23.14 11.52 -15.53
C GLN D 223 -22.53 12.76 -14.93
N THR D 224 -21.99 13.64 -15.78
CA THR D 224 -21.09 14.68 -15.27
C THR D 224 -21.77 15.57 -14.22
N GLN D 225 -23.02 16.00 -14.47
CA GLN D 225 -23.66 16.89 -13.49
C GLN D 225 -24.01 16.20 -12.18
N ASP D 226 -24.14 14.89 -12.17
CA ASP D 226 -24.48 14.16 -10.96
C ASP D 226 -23.28 13.53 -10.24
N THR D 227 -22.06 13.73 -10.71
CA THR D 227 -20.91 13.08 -10.09
C THR D 227 -20.22 14.04 -9.15
N GLU D 228 -19.93 13.60 -7.91
CA GLU D 228 -19.10 14.38 -7.01
C GLU D 228 -17.67 13.94 -7.27
N LEU D 229 -16.80 14.86 -7.67
CA LEU D 229 -15.41 14.53 -7.98
C LEU D 229 -14.51 15.30 -7.02
N VAL D 230 -13.64 14.59 -6.25
CA VAL D 230 -12.79 15.37 -5.36
C VAL D 230 -11.52 15.74 -6.08
N GLU D 231 -10.87 16.81 -5.61
CA GLU D 231 -9.58 17.20 -6.16
C GLU D 231 -8.55 16.08 -5.97
N THR D 232 -7.73 15.85 -7.00
CA THR D 232 -6.65 14.88 -6.86
C THR D 232 -5.77 15.29 -5.68
N ARG D 233 -5.42 14.35 -4.81
CA ARG D 233 -4.76 14.71 -3.56
C ARG D 233 -3.53 13.83 -3.35
N PRO D 234 -2.51 14.34 -2.66
CA PRO D 234 -1.29 13.57 -2.45
C PRO D 234 -1.47 12.50 -1.38
N ALA D 235 -0.97 11.30 -1.66
CA ALA D 235 -1.02 10.27 -0.62
C ALA D 235 -0.01 10.53 0.48
N GLY D 236 1.07 11.26 0.15
CA GLY D 236 2.14 11.56 1.07
C GLY D 236 3.39 10.73 0.83
N ASP D 237 3.30 9.72 -0.03
CA ASP D 237 4.45 8.90 -0.38
C ASP D 237 4.93 9.13 -1.80
N GLY D 238 4.57 10.25 -2.42
CA GLY D 238 4.90 10.50 -3.81
C GLY D 238 3.82 10.12 -4.81
N THR D 239 2.76 9.40 -4.38
CA THR D 239 1.70 9.02 -5.33
C THR D 239 0.46 9.78 -4.95
N PHE D 240 -0.58 9.66 -5.79
CA PHE D 240 -1.79 10.45 -5.67
C PHE D 240 -3.02 9.57 -5.55
N GLN D 241 -4.14 10.22 -5.19
CA GLN D 241 -5.43 9.57 -4.97
C GLN D 241 -6.52 10.45 -5.55
N LYS D 242 -7.63 9.82 -5.91
CA LYS D 242 -8.78 10.59 -6.37
C LYS D 242 -9.99 9.69 -6.26
N TRP D 243 -11.17 10.28 -6.05
CA TRP D 243 -12.36 9.46 -6.20
C TRP D 243 -13.51 10.26 -6.82
N ALA D 244 -14.48 9.52 -7.31
CA ALA D 244 -15.67 10.09 -7.98
C ALA D 244 -16.86 9.31 -7.50
N ALA D 245 -17.94 9.98 -7.17
CA ALA D 245 -19.08 9.30 -6.57
C ALA D 245 -20.38 9.78 -7.20
N VAL D 246 -21.37 8.87 -7.27
CA VAL D 246 -22.70 9.18 -7.78
C VAL D 246 -23.71 8.50 -6.88
N VAL D 247 -24.85 9.16 -6.69
CA VAL D 247 -25.96 8.62 -5.91
C VAL D 247 -26.92 7.91 -6.85
N VAL D 248 -27.16 6.64 -6.61
CA VAL D 248 -27.90 5.84 -7.57
C VAL D 248 -29.13 5.22 -6.91
N PRO D 249 -30.17 4.95 -7.68
CA PRO D 249 -31.36 4.33 -7.11
C PRO D 249 -31.06 2.87 -6.75
N SER D 250 -31.54 2.49 -5.57
CA SER D 250 -31.28 1.13 -5.09
C SER D 250 -31.83 0.13 -6.07
N GLY D 251 -31.04 -0.87 -6.38
CA GLY D 251 -31.40 -1.78 -7.42
C GLY D 251 -31.00 -1.39 -8.81
N GLU D 252 -30.46 -0.17 -9.03
CA GLU D 252 -29.96 0.21 -10.36
C GLU D 252 -28.41 0.28 -10.46
N GLU D 253 -27.68 -0.19 -9.41
CA GLU D 253 -26.20 -0.21 -9.42
C GLU D 253 -25.60 -0.76 -10.70
N GLN D 254 -26.21 -1.80 -11.28
CA GLN D 254 -25.53 -2.42 -12.40
C GLN D 254 -25.58 -1.61 -13.67
N ARG D 255 -26.36 -0.53 -13.71
CA ARG D 255 -26.36 0.32 -14.87
C ARG D 255 -25.16 1.26 -14.92
N TYR D 256 -24.38 1.33 -13.84
CA TYR D 256 -23.32 2.30 -13.70
C TYR D 256 -21.95 1.70 -13.94
N THR D 257 -21.10 2.46 -14.64
CA THR D 257 -19.74 2.00 -14.91
C THR D 257 -18.82 3.18 -14.61
N CYS D 258 -17.67 2.90 -14.00
CA CYS D 258 -16.69 3.93 -13.74
C CYS D 258 -15.55 3.76 -14.73
N HIS D 259 -15.08 4.87 -15.29
CA HIS D 259 -14.14 4.87 -16.41
C HIS D 259 -12.88 5.61 -15.95
N VAL D 260 -11.73 4.95 -16.06
CA VAL D 260 -10.47 5.46 -15.51
C VAL D 260 -9.47 5.57 -16.65
N GLN D 261 -8.93 6.77 -16.88
CA GLN D 261 -7.85 7.00 -17.84
C GLN D 261 -6.62 7.48 -17.10
N HIS D 262 -5.49 6.83 -17.35
CA HIS D 262 -4.22 7.25 -16.72
C HIS D 262 -3.11 6.77 -17.61
N GLU D 263 -2.01 7.56 -17.65
CA GLU D 263 -0.87 7.23 -18.52
C GLU D 263 -0.28 5.86 -18.22
N GLY D 264 -0.42 5.37 -16.99
CA GLY D 264 0.15 4.07 -16.60
C GLY D 264 -0.74 2.87 -16.96
N LEU D 265 -1.85 3.12 -17.45
CA LEU D 265 -2.78 2.07 -17.87
C LEU D 265 -2.55 1.76 -19.36
N PRO D 266 -2.34 0.52 -19.75
CA PRO D 266 -2.22 0.25 -21.18
C PRO D 266 -3.51 0.52 -21.95
N GLU D 267 -4.68 0.54 -21.28
CA GLU D 267 -6.00 0.74 -21.88
C GLU D 267 -6.85 1.34 -20.77
N PRO D 268 -7.76 2.25 -21.07
CA PRO D 268 -8.66 2.78 -20.04
C PRO D 268 -9.44 1.65 -19.40
N LEU D 269 -9.77 1.80 -18.12
CA LEU D 269 -10.54 0.80 -17.40
C LEU D 269 -12.01 1.12 -17.37
N THR D 270 -12.81 0.05 -17.25
CA THR D 270 -14.26 0.14 -17.02
C THR D 270 -14.53 -0.73 -15.80
N LEU D 271 -14.90 -0.11 -14.68
CA LEU D 271 -15.17 -0.81 -13.43
C LEU D 271 -16.65 -0.80 -13.10
N ARG D 272 -17.08 -1.80 -12.38
CA ARG D 272 -18.48 -1.93 -11.98
C ARG D 272 -18.52 -2.34 -10.54
N TRP D 273 -19.58 -1.93 -9.86
CA TRP D 273 -19.86 -2.57 -8.58
C TRP D 273 -20.33 -4.07 -8.78
N ILE E 1 -8.16 38.45 -4.33
CA ILE E 1 -7.44 38.68 -3.10
C ILE E 1 -7.75 37.65 -2.02
N GLN E 2 -9.02 37.25 -1.72
CA GLN E 2 -9.13 36.21 -0.66
C GLN E 2 -9.93 34.98 -1.08
N ARG E 3 -9.35 33.78 -0.89
CA ARG E 3 -10.00 32.52 -1.23
C ARG E 3 -9.97 31.55 -0.06
N THR E 4 -11.09 30.94 0.22
CA THR E 4 -11.14 30.13 1.43
C THR E 4 -10.68 28.69 1.16
N PRO E 5 -10.04 28.00 2.09
CA PRO E 5 -9.42 26.71 1.76
C PRO E 5 -10.43 25.60 1.56
N LYS E 6 -10.14 24.72 0.60
CA LYS E 6 -10.76 23.41 0.52
C LYS E 6 -10.02 22.52 1.48
N ILE E 7 -10.68 21.47 1.96
CA ILE E 7 -10.13 20.62 3.01
C ILE E 7 -10.53 19.18 2.68
N GLN E 8 -9.54 18.30 2.68
CA GLN E 8 -9.80 16.86 2.60
C GLN E 8 -8.97 16.22 3.69
N VAL E 9 -9.59 15.36 4.49
CA VAL E 9 -8.94 14.59 5.55
C VAL E 9 -9.09 13.12 5.17
N TYR E 10 -7.99 12.38 5.18
CA TYR E 10 -8.01 11.04 4.61
C TYR E 10 -6.75 10.32 5.06
N SER E 11 -6.70 9.01 4.81
CA SER E 11 -5.52 8.26 5.21
C SER E 11 -4.69 7.88 3.99
N ARG E 12 -3.39 7.70 4.20
CA ARG E 12 -2.51 7.40 3.07
C ARG E 12 -2.92 6.08 2.43
N HIS E 13 -3.20 5.10 3.25
CA HIS E 13 -3.64 3.75 2.86
C HIS E 13 -5.04 3.48 3.34
N PRO E 14 -5.83 2.64 2.64
CA PRO E 14 -7.18 2.33 3.11
C PRO E 14 -7.11 1.83 4.55
N ALA E 15 -7.97 2.36 5.39
CA ALA E 15 -7.77 2.21 6.82
C ALA E 15 -8.22 0.83 7.27
N GLU E 16 -7.52 0.33 8.25
CA GLU E 16 -7.87 -0.92 8.87
C GLU E 16 -7.53 -0.81 10.35
N ASN E 17 -8.52 -1.08 11.19
CA ASN E 17 -8.33 -0.87 12.62
C ASN E 17 -7.16 -1.68 13.14
N GLY E 18 -6.33 -1.03 13.96
CA GLY E 18 -5.13 -1.68 14.47
C GLY E 18 -3.94 -1.67 13.54
N LYS E 19 -4.03 -1.13 12.32
CA LYS E 19 -2.89 -1.08 11.41
C LYS E 19 -2.35 0.35 11.30
N SER E 20 -1.04 0.51 11.47
CA SER E 20 -0.49 1.85 11.41
C SER E 20 -0.57 2.39 10.00
N ASN E 21 -0.57 3.72 9.89
CA ASN E 21 -1.03 4.42 8.70
C ASN E 21 -0.60 5.87 8.85
N PHE E 22 -1.05 6.69 7.92
CA PHE E 22 -0.75 8.13 8.04
C PHE E 22 -2.06 8.85 7.85
N LEU E 23 -2.30 9.85 8.69
CA LEU E 23 -3.48 10.69 8.63
C LEU E 23 -3.10 11.97 7.94
N ASN E 24 -3.81 12.31 6.90
CA ASN E 24 -3.50 13.46 6.05
C ASN E 24 -4.58 14.50 6.14
N CYS E 25 -4.18 15.77 6.09
CA CYS E 25 -5.15 16.84 5.88
C CYS E 25 -4.57 17.70 4.76
N TYR E 26 -5.22 17.70 3.62
CA TYR E 26 -4.82 18.45 2.42
C TYR E 26 -5.66 19.73 2.35
N VAL E 27 -5.03 20.89 2.45
CA VAL E 27 -5.73 22.16 2.30
C VAL E 27 -5.28 22.83 1.02
N SER E 28 -6.21 23.36 0.23
CA SER E 28 -5.83 23.85 -1.09
C SER E 28 -6.78 24.96 -1.50
N GLY E 29 -6.44 25.63 -2.59
CA GLY E 29 -7.36 26.65 -3.08
C GLY E 29 -7.46 27.87 -2.25
N PHE E 30 -6.52 28.13 -1.34
CA PHE E 30 -6.66 29.30 -0.48
C PHE E 30 -5.69 30.42 -0.83
N HIS E 31 -6.08 31.64 -0.40
CA HIS E 31 -5.20 32.83 -0.55
C HIS E 31 -5.71 33.83 0.47
N PRO E 32 -4.84 34.52 1.24
CA PRO E 32 -3.37 34.50 1.29
C PRO E 32 -2.85 33.19 1.88
N SER E 33 -1.52 33.02 2.00
CA SER E 33 -0.97 31.71 2.39
C SER E 33 -0.94 31.44 3.90
N ASP E 34 -1.01 32.45 4.76
CA ASP E 34 -1.08 32.13 6.21
C ASP E 34 -2.27 31.24 6.51
N ILE E 35 -2.04 30.15 7.23
CA ILE E 35 -3.12 29.22 7.53
C ILE E 35 -2.67 28.43 8.74
N GLU E 36 -3.62 28.00 9.56
CA GLU E 36 -3.33 27.20 10.74
C GLU E 36 -4.04 25.85 10.59
N VAL E 37 -3.30 24.74 10.70
CA VAL E 37 -3.96 23.45 10.53
C VAL E 37 -3.54 22.59 11.70
N ASP E 38 -4.48 22.00 12.40
CA ASP E 38 -4.21 21.04 13.45
C ASP E 38 -4.86 19.71 13.07
N LEU E 39 -4.22 18.61 13.42
CA LEU E 39 -4.91 17.32 13.40
C LEU E 39 -5.36 16.99 14.83
N LEU E 40 -6.58 16.49 14.99
CA LEU E 40 -7.08 16.21 16.35
C LEU E 40 -7.32 14.72 16.51
N LYS E 41 -7.09 14.23 17.73
CA LYS E 41 -7.50 12.87 18.11
C LYS E 41 -8.49 12.98 19.26
N ASN E 42 -9.69 12.48 19.08
CA ASN E 42 -10.73 12.66 20.08
C ASN E 42 -10.79 14.12 20.54
N GLY E 43 -10.74 15.03 19.58
CA GLY E 43 -10.82 16.46 19.87
C GLY E 43 -9.57 17.13 20.41
N GLU E 44 -8.50 16.42 20.73
CA GLU E 44 -7.28 17.03 21.25
C GLU E 44 -6.22 17.13 20.15
N ARG E 45 -5.50 18.25 20.17
CA ARG E 45 -4.50 18.50 19.13
C ARG E 45 -3.36 17.47 19.19
N ILE E 46 -3.01 16.89 18.02
CA ILE E 46 -1.91 15.95 17.89
C ILE E 46 -0.62 16.74 17.76
N GLU E 47 0.39 16.42 18.55
CA GLU E 47 1.60 17.27 18.57
C GLU E 47 2.56 17.01 17.41
N LYS E 48 2.83 15.77 17.07
CA LYS E 48 3.83 15.44 16.04
C LYS E 48 3.14 15.40 14.67
N VAL E 49 3.02 16.58 14.07
CA VAL E 49 2.36 16.76 12.76
C VAL E 49 3.37 17.47 11.88
N GLU E 50 3.62 16.94 10.70
CA GLU E 50 4.49 17.66 9.77
C GLU E 50 3.68 18.19 8.61
N HIS E 51 4.32 19.05 7.78
CA HIS E 51 3.61 19.59 6.62
C HIS E 51 4.58 19.77 5.46
N SER E 52 4.00 19.81 4.27
CA SER E 52 4.75 19.95 3.03
C SER E 52 5.25 21.41 2.90
N ASP E 53 6.13 21.65 1.92
CA ASP E 53 6.63 23.00 1.68
C ASP E 53 5.62 23.79 0.85
N LEU E 54 5.51 25.08 1.14
CA LEU E 54 4.47 25.91 0.52
C LEU E 54 4.62 25.93 -0.99
N SER E 55 3.52 25.67 -1.68
CA SER E 55 3.50 25.67 -3.15
C SER E 55 2.13 26.13 -3.60
N PHE E 56 1.93 26.27 -4.90
CA PHE E 56 0.66 26.82 -5.35
C PHE E 56 0.35 26.26 -6.75
N SER E 57 -0.92 26.40 -7.13
CA SER E 57 -1.47 25.90 -8.38
C SER E 57 -1.46 26.97 -9.46
N GLY E 58 -1.89 26.59 -10.67
CA GLY E 58 -1.82 27.51 -11.80
C GLY E 58 -2.66 28.76 -11.56
N ASP E 59 -3.69 28.66 -10.73
CA ASP E 59 -4.55 29.84 -10.46
C ASP E 59 -4.03 30.69 -9.29
N TRP E 60 -2.80 30.40 -8.83
CA TRP E 60 -2.08 31.10 -7.76
C TRP E 60 -2.54 30.67 -6.34
N SER E 61 -3.54 29.79 -6.20
CA SER E 61 -3.97 29.47 -4.86
C SER E 61 -3.03 28.44 -4.25
N PHE E 62 -2.86 28.51 -2.94
CA PHE E 62 -1.82 27.73 -2.26
C PHE E 62 -2.34 26.35 -1.89
N TYR E 63 -1.41 25.42 -1.61
CA TYR E 63 -1.82 24.12 -1.10
C TYR E 63 -0.72 23.59 -0.19
N LEU E 64 -1.15 22.83 0.83
CA LEU E 64 -0.28 22.23 1.84
C LEU E 64 -0.86 20.88 2.23
N LEU E 65 0.01 19.94 2.50
CA LEU E 65 -0.37 18.66 3.09
C LEU E 65 0.23 18.64 4.51
N TYR E 66 -0.64 18.44 5.51
CA TYR E 66 -0.29 18.15 6.89
C TYR E 66 -0.51 16.68 7.13
N TYR E 67 0.38 16.07 7.91
CA TYR E 67 0.29 14.61 8.05
C TYR E 67 0.96 14.14 9.34
N THR E 68 0.47 13.02 9.84
CA THR E 68 1.04 12.42 11.02
C THR E 68 0.81 10.91 10.96
N GLU E 69 1.74 10.14 11.53
CA GLU E 69 1.49 8.70 11.68
C GLU E 69 0.34 8.45 12.67
N PHE E 70 -0.55 7.50 12.37
CA PHE E 70 -1.59 7.15 13.33
C PHE E 70 -1.96 5.68 13.15
N THR E 71 -2.71 5.15 14.12
CA THR E 71 -3.26 3.80 14.09
C THR E 71 -4.76 3.85 14.36
N PRO E 72 -5.58 3.80 13.34
CA PRO E 72 -7.01 3.97 13.56
C PRO E 72 -7.58 2.81 14.35
N THR E 73 -8.65 3.11 15.07
CA THR E 73 -9.39 2.11 15.83
C THR E 73 -10.84 2.26 15.47
N GLU E 74 -11.67 1.37 15.99
CA GLU E 74 -13.09 1.54 15.72
C GLU E 74 -13.57 2.80 16.43
N LYS E 75 -13.04 3.08 17.63
CA LYS E 75 -13.61 4.09 18.51
C LYS E 75 -12.98 5.47 18.40
N ASP E 76 -11.70 5.59 18.00
CA ASP E 76 -11.02 6.89 18.04
C ASP E 76 -11.48 7.77 16.87
N GLU E 77 -11.73 9.03 17.18
CA GLU E 77 -12.24 10.01 16.23
C GLU E 77 -11.07 10.91 15.83
N TYR E 78 -10.85 11.04 14.53
CA TYR E 78 -9.81 11.95 14.04
C TYR E 78 -10.49 13.07 13.25
N ALA E 79 -9.85 14.23 13.25
CA ALA E 79 -10.42 15.37 12.54
C ALA E 79 -9.29 16.32 12.18
N CYS E 80 -9.60 17.21 11.24
CA CYS E 80 -8.70 18.30 10.91
C CYS E 80 -9.38 19.61 11.33
N ARG E 81 -8.60 20.56 11.88
CA ARG E 81 -9.16 21.86 12.28
C ARG E 81 -8.36 22.96 11.61
N VAL E 82 -9.03 23.75 10.79
CA VAL E 82 -8.38 24.75 9.94
C VAL E 82 -8.88 26.14 10.33
N ASN E 83 -7.95 27.09 10.47
CA ASN E 83 -8.31 28.51 10.53
C ASN E 83 -7.55 29.28 9.44
N HIS E 84 -8.24 30.29 8.92
CA HIS E 84 -7.79 31.10 7.81
C HIS E 84 -8.51 32.44 7.93
N VAL E 85 -7.97 33.47 7.27
CA VAL E 85 -8.56 34.79 7.44
C VAL E 85 -9.94 34.81 6.83
N THR E 86 -10.23 33.92 5.89
CA THR E 86 -11.54 33.90 5.27
C THR E 86 -12.60 33.22 6.15
N LEU E 87 -12.25 32.60 7.28
CA LEU E 87 -13.22 31.88 8.10
C LEU E 87 -13.57 32.66 9.36
N SER E 88 -14.88 32.77 9.67
CA SER E 88 -15.25 33.47 10.89
C SER E 88 -14.87 32.68 12.15
N GLN E 89 -14.75 31.35 12.05
CA GLN E 89 -14.36 30.50 13.17
C GLN E 89 -13.66 29.28 12.58
N PRO E 90 -12.96 28.48 13.39
CA PRO E 90 -12.24 27.34 12.80
C PRO E 90 -13.22 26.36 12.17
N LYS E 91 -12.81 25.79 11.04
CA LYS E 91 -13.55 24.69 10.39
C LYS E 91 -13.02 23.33 10.87
N ILE E 92 -13.91 22.44 11.30
CA ILE E 92 -13.53 21.09 11.76
C ILE E 92 -14.08 20.12 10.76
N VAL E 93 -13.23 19.30 10.15
CA VAL E 93 -13.68 18.25 9.24
C VAL E 93 -13.30 16.93 9.85
N LYS E 94 -14.28 16.09 10.12
CA LYS E 94 -14.02 14.79 10.72
C LYS E 94 -13.43 13.83 9.69
N TRP E 95 -12.51 12.96 10.12
CA TRP E 95 -12.01 11.88 9.25
C TRP E 95 -13.08 10.80 9.09
N ASP E 96 -13.48 10.54 7.84
CA ASP E 96 -14.38 9.46 7.43
C ASP E 96 -13.55 8.50 6.58
N ARG E 97 -13.33 7.28 7.07
CA ARG E 97 -12.48 6.36 6.31
C ARG E 97 -13.05 5.95 4.94
N ASP E 98 -14.32 6.25 4.65
CA ASP E 98 -14.92 5.97 3.34
C ASP E 98 -14.71 7.11 2.38
N MET E 99 -14.00 8.15 2.83
CA MET E 99 -13.64 9.23 1.94
C MET E 99 -12.12 9.61 1.87
N MET F 1 17.69 22.94 -11.72
CA MET F 1 18.60 24.11 -11.59
C MET F 1 17.88 25.42 -11.81
N ALA F 2 17.91 26.24 -10.76
CA ALA F 2 17.12 27.46 -10.72
C ALA F 2 17.72 28.61 -11.55
N ARG F 3 16.82 29.52 -11.91
CA ARG F 3 17.16 30.72 -12.63
C ARG F 3 18.15 31.56 -11.81
N GLU F 4 19.06 32.24 -12.49
CA GLU F 4 19.89 33.22 -11.81
C GLU F 4 19.04 34.36 -11.21
N LEU F 5 19.63 35.07 -10.23
CA LEU F 5 19.04 36.29 -9.68
C LEU F 5 18.41 37.13 -10.78
N HIS F 6 17.18 37.63 -10.51
CA HIS F 6 16.34 38.34 -11.48
C HIS F 6 16.25 39.80 -11.07
N PRO F 7 16.35 40.77 -12.02
CA PRO F 7 16.00 42.18 -11.71
C PRO F 7 14.76 42.29 -10.84
N GLU F 8 14.75 43.28 -9.95
CA GLU F 8 13.64 43.55 -9.09
C GLU F 8 12.43 43.99 -9.91
N TYR F 9 11.25 43.84 -9.32
CA TYR F 9 9.99 44.30 -9.99
C TYR F 9 9.96 45.81 -9.94
#